data_4N7E
#
_entry.id   4N7E
#
_cell.length_a   161.948
_cell.length_b   77.402
_cell.length_c   111.176
_cell.angle_alpha   90.00
_cell.angle_beta   127.06
_cell.angle_gamma   90.00
#
_symmetry.space_group_name_H-M   'C 1 2 1'
#
loop_
_entity.id
_entity.type
_entity.pdbx_description
1 polymer Sortilin
2 branched beta-D-mannopyranose-(1-4)-2-acetamido-2-deoxy-beta-D-glucopyranose-(1-4)-2-acetamido-2-deoxy-beta-D-glucopyranose
3 branched 2-acetamido-2-deoxy-beta-D-glucopyranose-(1-4)-2-acetamido-2-deoxy-beta-D-glucopyranose
4 non-polymer 'TRIETHYLENE GLYCOL'
5 non-polymer '2-[(6-methylpyridin-2-yl)carbamoyl]-5-(trifluoromethyl)benzoic acid'
6 water water
#
_entity_poly.entity_id   1
_entity_poly.type   'polypeptide(L)'
_entity_poly.pdbx_seq_one_letter_code
;SAPGEDEECGRVRDFVAKLANNTHQHVFDDLRGSVSLSWVGDSTGVILVLTTFHVPLVIMTFGQSKLYRSEDYGKNFKDI
TDLINNTFIRTEFGMAIGPENSGKVVLTAEVSGGSRGGRIFRSSDFAKNFVQTDLPFHPLTQMMYSPQNSDYLLALSTEN
GLWVSKNFGGKWEEIHKAVCLAKWGSDNTIFFTTYANGSCKADLGALELWRTSDLGKSFKTIGVKIYSFGLGGRFLFASV
MADKDTTRRIHVSTDQGDTWSMAQLPSVGQEQFYSILAANDDMVFMHVDEPGDTGFGTIFTSDDRGIVYSKSLDRHLYTT
TGGETDFTNVTSLRGVYITSVLSEDNSIQTMITFDQGGRWTHLRKPENSECDATAKNKNECSLHIHASYSISQKLNVPMA
PLSEPNAVGIVIAHGSVGDAISVMVPDVYISDDGGYSWTKMLEGPHYYTILDSGGIIVAIEHSSRPINVIKFSTDEGQCW
QTYTFTRDPIYFTGLASEPGARSMNISIWGFTESFLTSQWVSYTIDFKDILERNCEEKDYTIWLAHSTDPEDYEDGCILG
YKEQFLRLRKSSMCQNGRDYVVTKQPSICLCSLEDFLCDFGYYRPENDSKCVEQPELKGHDLEFCLYGREEHLTTNGYRK
IPGDKCQGGVNPVREVKDLKKKCTSNFLSPEKQNSKSNSGSAMIEGRGVGHHHHHH
;
_entity_poly.pdbx_strand_id   A
#
# COMPACT_ATOMS: atom_id res chain seq x y z
N GLY A 10 -5.19 -13.47 -31.03
CA GLY A 10 -4.08 -14.07 -30.33
C GLY A 10 -2.75 -13.56 -30.87
N ARG A 11 -2.38 -14.03 -32.05
CA ARG A 11 -1.22 -13.50 -32.77
C ARG A 11 0.15 -14.06 -32.38
N VAL A 12 0.19 -15.06 -31.50
CA VAL A 12 1.48 -15.67 -31.19
C VAL A 12 1.60 -17.03 -31.86
N ARG A 13 2.72 -17.24 -32.53
CA ARG A 13 2.93 -18.47 -33.27
C ARG A 13 3.71 -19.47 -32.44
N ASP A 14 3.25 -20.70 -32.43
CA ASP A 14 4.08 -21.74 -31.80
C ASP A 14 4.33 -21.64 -30.28
N PHE A 15 3.31 -21.28 -29.52
CA PHE A 15 3.42 -21.27 -28.03
C PHE A 15 3.45 -22.58 -27.23
N VAL A 16 2.61 -23.57 -27.55
CA VAL A 16 2.59 -24.81 -26.75
C VAL A 16 3.95 -25.48 -26.69
N ALA A 17 4.67 -25.41 -27.81
CA ALA A 17 6.03 -25.90 -27.90
C ALA A 17 6.94 -25.29 -26.82
N LYS A 18 6.91 -23.97 -26.71
CA LYS A 18 7.75 -23.24 -25.76
C LYS A 18 7.46 -23.54 -24.29
N LEU A 19 6.18 -23.65 -23.96
CA LEU A 19 5.75 -23.75 -22.59
C LEU A 19 5.78 -25.18 -22.08
N ALA A 20 5.81 -26.15 -23.00
CA ALA A 20 5.79 -27.57 -22.62
C ALA A 20 6.98 -27.94 -21.75
N ASN A 21 8.18 -27.68 -22.26
CA ASN A 21 9.42 -27.83 -21.51
C ASN A 21 9.33 -27.09 -20.19
N ASN A 22 8.87 -25.85 -20.26
CA ASN A 22 9.06 -24.90 -19.17
C ASN A 22 8.05 -24.98 -18.03
N THR A 23 7.05 -25.86 -18.16
CA THR A 23 6.09 -26.09 -17.09
C THR A 23 6.70 -27.03 -16.05
N HIS A 24 6.79 -26.58 -14.80
CA HIS A 24 7.40 -27.42 -13.77
C HIS A 24 6.44 -27.68 -12.63
N GLN A 25 6.13 -28.95 -12.43
CA GLN A 25 5.25 -29.36 -11.34
C GLN A 25 6.02 -29.81 -10.11
N HIS A 26 5.52 -29.42 -8.95
CA HIS A 26 6.01 -29.96 -7.69
C HIS A 26 4.82 -30.30 -6.79
N VAL A 27 4.94 -31.35 -6.00
CA VAL A 27 3.85 -31.72 -5.12
C VAL A 27 4.19 -31.67 -3.65
N PHE A 28 3.16 -31.51 -2.84
CA PHE A 28 3.27 -31.19 -1.45
C PHE A 28 2.30 -32.03 -0.68
N ASP A 29 2.35 -31.94 0.64
CA ASP A 29 1.52 -32.72 1.54
C ASP A 29 0.07 -32.23 1.74
N ASP A 30 -0.66 -33.06 2.49
CA ASP A 30 -2.11 -33.08 2.52
C ASP A 30 -2.82 -31.91 3.17
N LEU A 31 -3.98 -31.57 2.62
CA LEU A 31 -4.90 -30.63 3.23
C LEU A 31 -5.54 -31.24 4.48
N ARG A 32 -5.85 -30.44 5.48
CA ARG A 32 -5.64 -28.99 5.44
C ARG A 32 -4.64 -28.54 6.50
N GLY A 33 -3.63 -27.81 6.05
CA GLY A 33 -2.69 -27.17 6.96
C GLY A 33 -2.57 -25.72 6.61
N SER A 34 -2.15 -24.91 7.58
CA SER A 34 -1.96 -23.50 7.32
C SER A 34 -0.73 -23.37 6.45
N VAL A 35 -0.84 -22.56 5.41
CA VAL A 35 0.21 -22.46 4.42
C VAL A 35 0.80 -21.06 4.38
N SER A 36 2.11 -20.96 4.58
CA SER A 36 2.81 -19.69 4.37
C SER A 36 3.82 -19.82 3.23
N LEU A 37 3.83 -18.83 2.34
CA LEU A 37 4.81 -18.73 1.26
C LEU A 37 5.54 -17.41 1.39
N SER A 38 6.87 -17.45 1.44
CA SER A 38 7.69 -16.23 1.54
C SER A 38 8.81 -16.15 0.53
N TRP A 39 8.87 -15.04 -0.19
CA TRP A 39 10.00 -14.84 -1.07
C TRP A 39 11.17 -14.38 -0.22
N VAL A 40 12.35 -14.94 -0.46
CA VAL A 40 13.51 -14.47 0.27
C VAL A 40 14.53 -13.89 -0.69
N GLY A 41 14.66 -12.56 -0.65
CA GLY A 41 15.65 -11.83 -1.42
C GLY A 41 15.21 -11.43 -2.81
N ASP A 42 16.06 -10.66 -3.48
CA ASP A 42 15.78 -10.22 -4.84
C ASP A 42 16.86 -10.75 -5.78
N SER A 43 16.42 -11.37 -6.87
CA SER A 43 17.34 -11.95 -7.85
C SER A 43 17.91 -13.25 -7.31
N THR A 44 17.21 -13.86 -6.35
CA THR A 44 17.70 -15.09 -5.72
C THR A 44 16.86 -16.27 -6.25
N GLY A 45 15.54 -16.13 -6.34
CA GLY A 45 14.70 -17.25 -6.72
C GLY A 45 14.26 -18.11 -5.54
N VAL A 46 14.70 -17.71 -4.35
CA VAL A 46 14.40 -18.43 -3.12
C VAL A 46 13.00 -18.21 -2.56
N ILE A 47 12.28 -19.31 -2.37
CA ILE A 47 10.94 -19.28 -1.79
C ILE A 47 10.86 -20.20 -0.56
N LEU A 48 10.21 -19.74 0.50
CA LEU A 48 9.95 -20.59 1.66
C LEU A 48 8.48 -20.88 1.78
N VAL A 49 8.11 -22.17 1.77
CA VAL A 49 6.72 -22.60 2.04
C VAL A 49 6.68 -23.25 3.43
N LEU A 50 5.79 -22.77 4.30
CA LEU A 50 5.67 -23.30 5.66
C LEU A 50 4.27 -23.84 5.96
N THR A 51 4.19 -25.09 6.43
CA THR A 51 2.92 -25.80 6.68
C THR A 51 2.78 -26.29 8.12
N THR A 52 1.72 -25.91 8.82
CA THR A 52 1.53 -26.34 10.22
C THR A 52 0.20 -27.08 10.48
N PHE A 53 0.26 -28.18 11.24
CA PHE A 53 -0.93 -29.00 11.55
C PHE A 53 -1.31 -29.07 13.03
N HIS A 54 -2.60 -28.82 13.31
CA HIS A 54 -3.17 -28.99 14.65
C HIS A 54 -4.12 -30.19 14.75
N VAL A 55 -3.70 -31.31 15.34
CA VAL A 55 -4.65 -32.35 15.79
C VAL A 55 -4.13 -33.05 17.05
N PRO A 56 -5.04 -33.57 17.87
CA PRO A 56 -4.66 -34.27 19.10
C PRO A 56 -3.37 -35.07 18.92
N GLN A 64 2.17 -31.02 13.58
CA GLN A 64 3.50 -30.43 13.53
C GLN A 64 3.72 -29.64 12.26
N SER A 65 4.98 -29.32 11.97
CA SER A 65 5.28 -28.31 10.98
C SER A 65 6.27 -28.78 9.91
N LYS A 66 5.96 -28.48 8.65
CA LYS A 66 6.79 -28.86 7.51
C LYS A 66 7.33 -27.62 6.79
N LEU A 67 8.58 -27.67 6.33
CA LEU A 67 9.19 -26.48 5.71
C LEU A 67 9.95 -26.77 4.40
N TYR A 68 9.48 -26.23 3.28
CA TYR A 68 10.18 -26.48 2.03
C TYR A 68 10.96 -25.27 1.54
N ARG A 69 11.77 -25.48 0.50
CA ARG A 69 12.61 -24.42 -0.03
C ARG A 69 12.88 -24.64 -1.51
N SER A 70 12.90 -23.54 -2.27
CA SER A 70 13.22 -23.59 -3.70
C SER A 70 14.20 -22.48 -4.07
N GLU A 71 15.25 -22.79 -4.82
CA GLU A 71 16.14 -21.77 -5.37
C GLU A 71 15.85 -21.43 -6.82
N ASP A 72 14.90 -22.14 -7.41
CA ASP A 72 14.60 -21.99 -8.84
C ASP A 72 13.38 -21.14 -9.20
N TYR A 73 12.83 -20.39 -8.25
CA TYR A 73 11.62 -19.57 -8.47
C TYR A 73 10.31 -20.37 -8.27
N GLY A 74 10.43 -21.58 -7.74
CA GLY A 74 9.28 -22.41 -7.43
C GLY A 74 9.09 -23.60 -8.34
N LYS A 75 10.08 -23.85 -9.19
CA LYS A 75 10.02 -24.99 -10.08
C LYS A 75 10.24 -26.28 -9.30
N ASN A 76 11.26 -26.31 -8.47
CA ASN A 76 11.49 -27.46 -7.60
C ASN A 76 11.77 -27.02 -6.18
N PHE A 77 10.91 -27.45 -5.28
CA PHE A 77 11.13 -27.32 -3.85
C PHE A 77 11.77 -28.61 -3.34
N LYS A 78 12.65 -28.50 -2.35
CA LYS A 78 13.04 -29.70 -1.64
C LYS A 78 12.99 -29.41 -0.13
N ASP A 79 12.76 -30.44 0.66
CA ASP A 79 12.22 -30.32 2.02
C ASP A 79 13.31 -30.21 3.09
N ILE A 80 13.44 -29.00 3.64
CA ILE A 80 14.41 -28.64 4.68
C ILE A 80 13.85 -28.70 6.11
N THR A 81 12.68 -29.31 6.30
CA THR A 81 12.11 -29.51 7.64
C THR A 81 13.14 -30.09 8.61
N ASP A 82 14.15 -30.79 8.07
CA ASP A 82 15.31 -31.24 8.84
C ASP A 82 16.01 -30.15 9.66
N LEU A 83 16.03 -28.94 9.13
CA LEU A 83 16.90 -27.88 9.61
C LEU A 83 16.35 -27.12 10.83
N ILE A 84 15.06 -27.28 11.10
CA ILE A 84 14.41 -26.68 12.24
C ILE A 84 14.38 -27.63 13.44
N ASN A 85 14.92 -28.83 13.24
CA ASN A 85 14.94 -29.87 14.26
C ASN A 85 13.63 -30.64 14.34
N ASN A 86 12.73 -30.38 13.40
CA ASN A 86 11.44 -31.07 13.33
C ASN A 86 10.41 -30.54 14.32
N THR A 87 10.73 -29.42 14.96
CA THR A 87 9.85 -28.81 15.94
C THR A 87 8.69 -28.04 15.32
N PHE A 88 7.84 -27.50 16.18
CA PHE A 88 6.56 -26.97 15.73
C PHE A 88 6.60 -25.45 15.60
N ILE A 89 6.51 -24.97 14.37
CA ILE A 89 6.58 -23.54 14.08
C ILE A 89 5.18 -22.92 14.15
N ARG A 90 5.12 -21.70 14.66
CA ARG A 90 3.85 -21.04 14.92
C ARG A 90 3.52 -19.97 13.90
N THR A 91 2.40 -20.16 13.23
CA THR A 91 2.06 -19.35 12.08
C THR A 91 1.61 -17.94 12.45
N GLU A 92 1.32 -17.72 13.74
CA GLU A 92 0.99 -16.40 14.24
C GLU A 92 2.06 -15.39 13.85
N PHE A 93 3.31 -15.71 14.15
CA PHE A 93 4.42 -14.82 13.86
C PHE A 93 4.95 -15.05 12.47
N GLY A 94 4.49 -16.12 11.83
CA GLY A 94 4.93 -16.44 10.49
C GLY A 94 6.45 -16.45 10.31
N MET A 95 6.87 -15.95 9.15
CA MET A 95 8.27 -15.95 8.78
C MET A 95 8.75 -14.53 8.67
N ALA A 96 9.61 -14.11 9.59
CA ALA A 96 10.03 -12.73 9.56
C ALA A 96 11.25 -12.65 8.65
N ILE A 97 11.04 -12.06 7.47
CA ILE A 97 12.05 -12.02 6.43
C ILE A 97 12.79 -10.68 6.43
N GLY A 98 14.11 -10.76 6.51
CA GLY A 98 14.95 -9.56 6.54
C GLY A 98 14.79 -8.68 5.31
N PRO A 99 15.12 -7.39 5.46
CA PRO A 99 15.01 -6.41 4.38
C PRO A 99 15.95 -6.68 3.20
N GLU A 100 15.51 -6.33 1.99
CA GLU A 100 16.34 -6.43 0.79
C GLU A 100 17.00 -7.81 0.65
N ASN A 101 18.29 -7.79 0.34
CA ASN A 101 19.04 -9.01 0.08
C ASN A 101 19.81 -9.59 1.27
N SER A 102 19.60 -9.02 2.46
CA SER A 102 20.25 -9.52 3.69
C SER A 102 20.07 -11.02 3.93
N GLY A 103 19.02 -11.59 3.35
CA GLY A 103 18.74 -13.01 3.46
C GLY A 103 18.37 -13.50 4.84
N LYS A 104 17.91 -12.62 5.72
CA LYS A 104 17.59 -13.05 7.07
C LYS A 104 16.20 -13.70 7.12
N VAL A 105 16.12 -14.84 7.80
CA VAL A 105 14.86 -15.51 8.00
C VAL A 105 14.74 -15.87 9.47
N VAL A 106 13.61 -15.54 10.09
CA VAL A 106 13.36 -15.92 11.48
C VAL A 106 12.00 -16.57 11.67
N LEU A 107 11.98 -17.73 12.31
CA LEU A 107 10.75 -18.46 12.61
C LEU A 107 10.58 -18.63 14.11
N THR A 108 9.41 -18.28 14.64
CA THR A 108 9.22 -18.50 16.07
C THR A 108 8.54 -19.85 16.31
N ALA A 109 9.04 -20.59 17.28
CA ALA A 109 8.57 -21.94 17.52
C ALA A 109 7.86 -22.00 18.85
N GLU A 110 6.96 -22.98 18.98
CA GLU A 110 6.21 -23.17 20.21
C GLU A 110 7.02 -23.91 21.25
N VAL A 111 6.90 -23.48 22.50
CA VAL A 111 7.66 -24.06 23.60
C VAL A 111 6.71 -24.67 24.63
N SER A 112 7.23 -25.58 25.44
CA SER A 112 6.44 -26.23 26.47
C SER A 112 5.80 -25.16 27.35
N GLY A 113 4.63 -25.46 27.89
CA GLY A 113 3.84 -24.49 28.62
C GLY A 113 4.58 -23.66 29.66
N GLY A 114 5.51 -24.28 30.39
CA GLY A 114 6.19 -23.60 31.48
C GLY A 114 7.58 -23.04 31.25
N SER A 115 7.95 -22.76 30.00
CA SER A 115 9.34 -22.45 29.64
C SER A 115 9.93 -21.14 30.18
N ARG A 116 11.25 -21.09 30.19
CA ARG A 116 12.04 -19.88 30.46
C ARG A 116 11.58 -18.70 29.64
N GLY A 117 11.36 -18.96 28.36
CA GLY A 117 11.13 -17.98 27.34
C GLY A 117 10.95 -18.72 26.02
N GLY A 118 10.73 -17.98 24.95
CA GLY A 118 10.42 -18.58 23.66
C GLY A 118 11.64 -19.13 22.95
N ARG A 119 11.44 -19.59 21.71
CA ARG A 119 12.55 -20.03 20.91
C ARG A 119 12.34 -19.63 19.47
N ILE A 120 13.42 -19.23 18.80
CA ILE A 120 13.38 -18.88 17.39
C ILE A 120 14.42 -19.63 16.56
N PHE A 121 14.17 -19.79 15.27
CA PHE A 121 15.13 -20.42 14.38
C PHE A 121 15.64 -19.40 13.39
N ARG A 122 16.94 -19.18 13.39
CA ARG A 122 17.50 -18.07 12.62
C ARG A 122 18.35 -18.52 11.46
N SER A 123 18.02 -18.04 10.28
CA SER A 123 18.91 -18.19 9.16
C SER A 123 19.42 -16.82 8.76
N SER A 124 20.74 -16.67 8.71
CA SER A 124 21.34 -15.44 8.22
C SER A 124 21.68 -15.56 6.74
N ASP A 125 21.59 -16.77 6.17
CA ASP A 125 21.74 -16.90 4.73
C ASP A 125 20.67 -17.72 4.05
N PHE A 126 19.67 -17.03 3.52
CA PHE A 126 18.64 -17.60 2.64
C PHE A 126 18.12 -19.00 3.01
N ALA A 127 17.98 -19.25 4.31
CA ALA A 127 17.45 -20.52 4.82
C ALA A 127 18.26 -21.77 4.43
N LYS A 128 19.56 -21.64 4.23
CA LYS A 128 20.41 -22.83 4.01
C LYS A 128 20.86 -23.51 5.30
N ASN A 129 21.19 -22.72 6.32
CA ASN A 129 21.45 -23.23 7.66
C ASN A 129 20.69 -22.43 8.70
N PHE A 130 20.00 -23.12 9.59
CA PHE A 130 19.27 -22.49 10.69
C PHE A 130 19.96 -22.77 12.02
N VAL A 131 19.91 -21.78 12.90
CA VAL A 131 20.39 -21.95 14.26
C VAL A 131 19.25 -21.61 15.20
N GLN A 132 19.12 -22.38 16.27
CA GLN A 132 17.98 -22.23 17.16
C GLN A 132 18.40 -21.52 18.43
N THR A 133 17.69 -20.45 18.77
CA THR A 133 18.11 -19.65 19.93
C THR A 133 16.98 -19.53 20.96
N ASP A 134 17.30 -19.74 22.23
CA ASP A 134 16.29 -19.58 23.29
C ASP A 134 16.25 -18.15 23.80
N LEU A 135 15.08 -17.54 23.71
CA LEU A 135 14.88 -16.16 24.15
C LEU A 135 14.69 -16.06 25.66
N PRO A 136 15.18 -14.96 26.26
CA PRO A 136 14.98 -14.61 27.68
C PRO A 136 13.53 -14.21 27.99
N PHE A 137 12.72 -14.02 26.95
CA PHE A 137 11.33 -13.60 27.09
C PHE A 137 10.37 -14.42 26.23
N HIS A 138 9.09 -14.05 26.24
CA HIS A 138 8.11 -14.66 25.33
C HIS A 138 7.60 -13.63 24.33
N PRO A 139 7.80 -13.89 23.02
CA PRO A 139 7.40 -12.94 21.98
C PRO A 139 5.91 -12.72 21.96
N LEU A 140 5.51 -11.45 22.02
CA LEU A 140 4.13 -11.06 21.77
C LEU A 140 3.90 -10.62 20.33
N THR A 141 4.98 -10.36 19.60
CA THR A 141 4.88 -9.79 18.27
C THR A 141 5.91 -10.41 17.35
N GLN A 142 5.67 -10.31 16.04
CA GLN A 142 6.67 -10.73 15.09
C GLN A 142 7.86 -9.81 15.29
N MET A 143 9.06 -10.35 15.20
CA MET A 143 10.25 -9.53 15.35
C MET A 143 10.46 -8.65 14.14
N MET A 144 10.97 -7.44 14.39
CA MET A 144 10.98 -6.43 13.35
C MET A 144 12.37 -5.90 13.08
N TYR A 145 12.81 -6.08 11.85
CA TYR A 145 14.14 -5.69 11.41
C TYR A 145 14.30 -4.18 11.34
N SER A 146 15.37 -3.65 11.90
CA SER A 146 15.67 -2.26 11.65
C SER A 146 15.95 -2.06 10.16
N PRO A 147 15.36 -1.02 9.55
CA PRO A 147 15.54 -0.67 8.14
C PRO A 147 17.00 -0.44 7.69
N GLN A 148 17.81 0.24 8.49
CA GLN A 148 19.18 0.47 8.03
C GLN A 148 20.10 -0.72 8.27
N ASN A 149 19.87 -1.46 9.36
CA ASN A 149 20.72 -2.61 9.66
C ASN A 149 19.91 -3.85 9.94
N SER A 150 20.02 -4.85 9.07
CA SER A 150 19.24 -6.07 9.22
C SER A 150 19.69 -6.93 10.40
N ASP A 151 20.80 -6.55 11.04
CA ASP A 151 21.27 -7.25 12.22
C ASP A 151 20.56 -6.78 13.49
N TYR A 152 19.74 -5.72 13.36
CA TYR A 152 19.04 -5.17 14.52
C TYR A 152 17.58 -5.58 14.57
N LEU A 153 17.14 -6.10 15.71
CA LEU A 153 15.77 -6.55 15.90
C LEU A 153 15.16 -5.94 17.14
N LEU A 154 13.86 -5.69 17.12
CA LEU A 154 13.17 -5.41 18.37
C LEU A 154 11.90 -6.27 18.49
N ALA A 155 11.55 -6.61 19.73
CA ALA A 155 10.35 -7.41 19.98
C ALA A 155 9.61 -6.92 21.23
N LEU A 156 8.30 -7.11 21.24
CA LEU A 156 7.54 -6.89 22.45
C LEU A 156 7.29 -8.23 23.13
N SER A 157 7.51 -8.30 24.45
CA SER A 157 7.24 -9.56 25.15
C SER A 157 5.80 -9.64 25.68
N THR A 158 5.43 -10.77 26.25
CA THR A 158 4.04 -10.99 26.67
C THR A 158 3.79 -10.29 27.99
N GLU A 159 4.90 -9.85 28.59
CA GLU A 159 4.85 -9.01 29.77
C GLU A 159 5.01 -7.54 29.39
N ASN A 160 4.99 -7.27 28.09
CA ASN A 160 5.08 -5.92 27.55
C ASN A 160 6.43 -5.27 27.81
N GLY A 161 7.50 -6.05 27.76
CA GLY A 161 8.82 -5.46 27.73
C GLY A 161 9.27 -5.21 26.31
N LEU A 162 10.03 -4.15 26.10
CA LEU A 162 10.67 -3.93 24.80
C LEU A 162 12.06 -4.55 24.84
N TRP A 163 12.27 -5.55 24.00
CA TRP A 163 13.57 -6.21 23.91
C TRP A 163 14.24 -5.85 22.60
N VAL A 164 15.56 -5.74 22.62
CA VAL A 164 16.31 -5.34 21.44
C VAL A 164 17.52 -6.25 21.26
N SER A 165 17.93 -6.47 20.02
CA SER A 165 19.11 -7.29 19.73
C SER A 165 19.98 -6.67 18.63
N LYS A 166 21.27 -6.48 18.93
CA LYS A 166 22.24 -5.99 17.93
C LYS A 166 22.81 -7.11 17.06
N ASN A 167 22.78 -8.34 17.58
CA ASN A 167 23.43 -9.49 16.96
C ASN A 167 22.56 -10.41 16.10
N PHE A 168 21.37 -9.93 15.73
CA PHE A 168 20.39 -10.69 14.94
C PHE A 168 19.80 -11.85 15.75
N GLY A 169 19.45 -11.55 17.00
CA GLY A 169 18.60 -12.42 17.79
C GLY A 169 19.31 -13.43 18.66
N GLY A 170 20.63 -13.38 18.71
CA GLY A 170 21.38 -14.27 19.58
C GLY A 170 21.24 -13.85 21.02
N LYS A 171 21.49 -12.56 21.27
CA LYS A 171 21.41 -11.98 22.60
C LYS A 171 20.41 -10.84 22.61
N TRP A 172 19.58 -10.78 23.64
CA TRP A 172 18.55 -9.76 23.74
C TRP A 172 18.70 -8.97 25.03
N GLU A 173 18.22 -7.73 25.03
CA GLU A 173 18.20 -6.98 26.27
C GLU A 173 16.94 -6.15 26.35
N GLU A 174 16.39 -6.08 27.55
CA GLU A 174 15.13 -5.39 27.75
C GLU A 174 15.43 -3.93 28.04
N ILE A 175 15.11 -3.06 27.08
CA ILE A 175 15.50 -1.67 27.19
C ILE A 175 14.44 -0.75 27.83
N HIS A 176 13.20 -1.20 27.94
CA HIS A 176 12.17 -0.44 28.65
C HIS A 176 11.06 -1.42 29.00
N LYS A 177 10.25 -1.11 30.00
CA LYS A 177 9.10 -1.95 30.31
C LYS A 177 7.81 -1.17 30.10
N ALA A 178 6.69 -1.87 30.25
CA ALA A 178 5.36 -1.33 29.99
C ALA A 178 5.25 -0.62 28.62
N VAL A 179 5.69 -1.29 27.55
CA VAL A 179 5.63 -0.71 26.21
C VAL A 179 4.42 -1.23 25.46
N CYS A 180 3.62 -0.30 24.92
CA CYS A 180 2.44 -0.66 24.12
C CYS A 180 2.74 -1.04 22.68
N LEU A 181 3.51 -0.18 22.03
CA LEU A 181 3.75 -0.26 20.60
C LEU A 181 5.14 0.28 20.34
N ALA A 182 5.90 -0.35 19.45
CA ALA A 182 7.26 0.10 19.20
C ALA A 182 7.58 0.03 17.70
N LYS A 183 8.21 1.07 17.19
CA LYS A 183 8.48 1.11 15.75
C LYS A 183 9.90 1.57 15.45
N TRP A 184 10.47 0.95 14.43
CA TRP A 184 11.76 1.38 13.91
C TRP A 184 11.59 2.63 13.08
N GLY A 185 12.31 3.68 13.45
CA GLY A 185 12.39 4.85 12.62
C GLY A 185 13.52 4.69 11.62
N SER A 186 13.94 5.80 11.02
CA SER A 186 15.14 5.81 10.22
C SER A 186 16.35 5.91 11.16
N ASP A 187 17.50 5.43 10.68
CA ASP A 187 18.75 5.47 11.44
C ASP A 187 18.63 4.78 12.80
N ASN A 188 18.07 3.58 12.80
CA ASN A 188 17.98 2.73 13.99
C ASN A 188 17.40 3.44 15.22
N THR A 189 16.48 4.37 14.96
CA THR A 189 15.73 5.04 16.00
C THR A 189 14.52 4.20 16.34
N ILE A 190 14.20 4.09 17.63
CA ILE A 190 13.02 3.38 18.03
C ILE A 190 12.02 4.36 18.64
N PHE A 191 10.79 4.37 18.15
CA PHE A 191 9.70 5.10 18.81
C PHE A 191 8.79 4.11 19.50
N PHE A 192 8.42 4.38 20.75
CA PHE A 192 7.47 3.48 21.40
C PHE A 192 6.56 4.18 22.40
N THR A 193 5.40 3.58 22.65
CA THR A 193 4.50 4.10 23.66
C THR A 193 4.59 3.28 24.94
N THR A 194 4.46 3.97 26.08
CA THR A 194 4.43 3.29 27.36
C THR A 194 3.16 3.64 28.08
N TYR A 195 2.86 2.90 29.14
CA TYR A 195 1.69 3.21 29.95
C TYR A 195 2.07 3.28 31.42
N ALA A 196 1.39 4.16 32.16
CA ALA A 196 1.72 4.38 33.56
C ALA A 196 1.30 3.21 34.46
N ASN A 197 0.01 2.89 34.44
CA ASN A 197 -0.54 1.80 35.24
C ASN A 197 -1.83 1.30 34.63
N GLY A 198 -2.28 0.13 35.06
CA GLY A 198 -3.36 -0.54 34.37
C GLY A 198 -2.85 -1.19 33.11
N SER A 199 -3.59 -1.06 32.02
CA SER A 199 -3.24 -1.72 30.78
C SER A 199 -3.34 -0.76 29.61
N CYS A 200 -2.67 -1.11 28.50
CA CYS A 200 -2.65 -0.29 27.31
C CYS A 200 -4.04 0.16 26.90
N LYS A 201 -5.02 -0.71 27.11
CA LYS A 201 -6.41 -0.36 26.84
C LYS A 201 -6.95 0.62 27.89
N ALA A 202 -6.57 0.43 29.14
CA ALA A 202 -7.07 1.28 30.23
C ALA A 202 -6.48 2.69 30.20
N ASP A 203 -5.18 2.73 29.95
CA ASP A 203 -4.40 3.96 30.00
C ASP A 203 -4.41 4.64 28.65
N LEU A 204 -5.18 4.08 27.71
CA LEU A 204 -5.22 4.62 26.36
C LEU A 204 -5.65 6.08 26.44
N GLY A 205 -4.96 6.91 25.66
CA GLY A 205 -5.06 8.35 25.77
C GLY A 205 -4.16 8.91 26.86
N ALA A 206 -3.76 8.04 27.79
CA ALA A 206 -2.81 8.41 28.85
C ALA A 206 -1.38 7.95 28.55
N LEU A 207 -1.17 7.37 27.37
CA LEU A 207 0.15 6.86 26.97
C LEU A 207 1.20 7.96 26.86
N GLU A 208 2.46 7.54 26.95
CA GLU A 208 3.59 8.44 26.87
C GLU A 208 4.45 7.99 25.69
N LEU A 209 4.79 8.91 24.81
CA LEU A 209 5.56 8.56 23.63
C LEU A 209 7.04 8.85 23.84
N TRP A 210 7.87 7.84 23.58
CA TRP A 210 9.30 7.92 23.82
C TRP A 210 10.12 7.72 22.55
N ARG A 211 11.38 8.14 22.61
CA ARG A 211 12.32 7.91 21.54
C ARG A 211 13.66 7.45 22.11
N THR A 212 14.32 6.52 21.43
CA THR A 212 15.70 6.16 21.78
C THR A 212 16.55 5.98 20.51
N SER A 213 17.63 6.77 20.44
CA SER A 213 18.57 6.77 19.31
C SER A 213 19.66 5.70 19.39
N ASP A 214 20.08 5.44 20.62
CA ASP A 214 21.20 4.56 20.96
C ASP A 214 20.82 3.13 21.32
N LEU A 215 19.58 2.75 21.04
CA LEU A 215 19.05 1.43 21.38
C LEU A 215 18.95 1.24 22.88
N GLY A 216 18.40 2.23 23.57
CA GLY A 216 18.04 2.07 24.96
C GLY A 216 19.11 2.50 25.93
N LYS A 217 20.23 2.99 25.40
CA LYS A 217 21.26 3.55 26.26
C LYS A 217 20.70 4.79 26.93
N SER A 218 19.93 5.56 26.16
CA SER A 218 19.30 6.78 26.66
C SER A 218 17.95 7.02 25.99
N PHE A 219 17.03 7.62 26.74
CA PHE A 219 15.67 7.86 26.27
C PHE A 219 15.27 9.32 26.34
N LYS A 220 14.20 9.66 25.64
CA LYS A 220 13.64 11.01 25.65
C LYS A 220 12.12 10.92 25.55
N THR A 221 11.42 11.70 26.36
CA THR A 221 9.96 11.71 26.27
C THR A 221 9.55 12.78 25.30
N ILE A 222 9.04 12.34 24.16
CA ILE A 222 8.61 13.24 23.12
C ILE A 222 7.11 13.46 23.11
N GLY A 223 6.37 12.75 23.94
CA GLY A 223 4.94 12.87 23.91
C GLY A 223 4.28 12.49 25.22
N VAL A 224 3.08 13.03 25.43
CA VAL A 224 2.29 12.70 26.60
C VAL A 224 0.81 12.85 26.22
N LYS A 225 -0.09 12.27 27.02
CA LYS A 225 -1.51 12.23 26.69
C LYS A 225 -1.73 11.57 25.35
N ILE A 226 -0.97 10.51 25.07
CA ILE A 226 -0.99 9.94 23.74
C ILE A 226 -2.07 8.90 23.58
N TYR A 227 -2.87 9.09 22.54
CA TYR A 227 -3.78 8.06 22.09
C TYR A 227 -3.06 7.08 21.18
N SER A 228 -2.37 7.59 20.18
CA SER A 228 -1.75 6.70 19.22
C SER A 228 -0.68 7.43 18.42
N PHE A 229 0.05 6.69 17.59
CA PHE A 229 1.06 7.32 16.74
C PHE A 229 1.38 6.48 15.51
N GLY A 230 2.05 7.10 14.54
CA GLY A 230 2.41 6.44 13.31
C GLY A 230 3.39 7.24 12.48
N LEU A 231 4.07 6.55 11.56
CA LEU A 231 5.03 7.19 10.64
C LEU A 231 4.56 7.10 9.21
N GLY A 232 4.71 8.19 8.48
CA GLY A 232 4.68 8.11 7.03
C GLY A 232 5.48 9.25 6.46
N GLY A 233 6.10 8.98 5.31
CA GLY A 233 7.05 9.90 4.72
C GLY A 233 8.00 10.36 5.79
N ARG A 234 8.26 11.67 5.81
CA ARG A 234 9.14 12.29 6.80
C ARG A 234 8.43 12.62 8.10
N PHE A 235 7.15 12.28 8.22
CA PHE A 235 6.34 12.74 9.34
C PHE A 235 6.20 11.75 10.50
N LEU A 236 6.26 12.26 11.72
CA LEU A 236 5.82 11.51 12.88
C LEU A 236 4.49 12.07 13.33
N PHE A 237 3.46 11.23 13.31
CA PHE A 237 2.12 11.65 13.70
C PHE A 237 1.77 11.11 15.09
N ALA A 238 1.12 11.92 15.91
CA ALA A 238 0.63 11.46 17.22
C ALA A 238 -0.73 12.07 17.50
N SER A 239 -1.71 11.26 17.91
CA SER A 239 -3.01 11.81 18.31
C SER A 239 -3.00 12.01 19.82
N VAL A 240 -3.40 13.21 20.25
CA VAL A 240 -3.28 13.63 21.65
C VAL A 240 -4.63 13.94 22.29
N MET A 241 -4.84 13.45 23.50
CA MET A 241 -6.09 13.66 24.21
C MET A 241 -6.24 15.07 24.72
N ALA A 242 -7.43 15.64 24.55
CA ALA A 242 -7.77 16.91 25.18
C ALA A 242 -7.58 16.77 26.68
N ASP A 243 -7.03 17.80 27.31
CA ASP A 243 -6.89 17.81 28.75
C ASP A 243 -8.28 17.82 29.38
N LYS A 244 -9.19 18.51 28.70
CA LYS A 244 -10.54 18.78 29.18
C LYS A 244 -11.56 17.71 28.81
N ASP A 245 -11.18 16.81 27.91
CA ASP A 245 -12.19 16.07 27.15
C ASP A 245 -11.75 14.65 26.76
N THR A 246 -12.61 13.97 26.02
CA THR A 246 -12.29 12.70 25.38
C THR A 246 -11.83 12.91 23.93
N THR A 247 -11.95 14.12 23.42
CA THR A 247 -11.53 14.38 22.03
C THR A 247 -10.02 14.34 21.90
N ARG A 248 -9.57 13.98 20.72
CA ARG A 248 -8.15 14.02 20.44
C ARG A 248 -7.88 14.69 19.09
N ARG A 249 -6.64 15.08 18.87
CA ARG A 249 -6.30 15.67 17.59
C ARG A 249 -4.84 15.38 17.18
N ILE A 250 -4.59 15.37 15.88
CA ILE A 250 -3.26 15.12 15.34
C ILE A 250 -2.23 16.24 15.57
N HIS A 251 -1.07 15.86 16.09
CA HIS A 251 0.10 16.71 16.07
C HIS A 251 1.13 16.08 15.14
N VAL A 252 1.95 16.89 14.47
CA VAL A 252 2.90 16.37 13.48
C VAL A 252 4.33 16.82 13.77
N SER A 253 5.29 15.92 13.53
CA SER A 253 6.70 16.23 13.79
C SER A 253 7.66 15.73 12.71
N THR A 254 8.46 16.66 12.23
CA THR A 254 9.42 16.43 11.17
C THR A 254 10.83 16.11 11.64
N ASP A 255 11.12 16.35 12.91
CA ASP A 255 12.47 16.18 13.47
C ASP A 255 12.70 14.89 14.25
N GLN A 256 11.73 13.98 14.19
CA GLN A 256 11.66 12.76 15.02
C GLN A 256 11.34 13.07 16.48
N GLY A 257 10.47 14.05 16.69
CA GLY A 257 9.86 14.27 17.98
C GLY A 257 10.33 15.47 18.78
N ASP A 258 11.45 16.07 18.38
CA ASP A 258 12.01 17.20 19.12
C ASP A 258 11.07 18.42 19.16
N THR A 259 10.31 18.66 18.08
CA THR A 259 9.29 19.73 18.04
C THR A 259 7.95 19.26 17.39
N TRP A 260 6.82 19.80 17.86
CA TRP A 260 5.46 19.34 17.51
C TRP A 260 4.43 20.39 17.05
N SER A 261 3.92 20.25 15.83
CA SER A 261 2.81 21.10 15.38
C SER A 261 1.43 20.47 15.47
N MET A 262 0.45 21.24 15.92
CA MET A 262 -0.92 20.84 15.75
C MET A 262 -1.28 20.95 14.27
N ALA A 263 -1.78 19.87 13.68
CA ALA A 263 -2.23 19.85 12.30
C ALA A 263 -3.49 20.70 12.12
N GLN A 264 -3.75 21.25 10.93
CA GLN A 264 -5.06 21.83 10.77
C GLN A 264 -5.96 20.74 10.22
N LEU A 265 -6.59 20.05 11.17
CA LEU A 265 -7.46 18.91 10.95
C LEU A 265 -8.51 18.96 12.05
N PRO A 266 -9.72 18.46 11.76
CA PRO A 266 -10.70 18.47 12.83
C PRO A 266 -10.34 17.46 13.94
N SER A 267 -10.67 17.81 15.17
CA SER A 267 -10.58 16.89 16.27
C SER A 267 -11.63 15.80 16.11
N VAL A 268 -11.40 14.67 16.76
CA VAL A 268 -12.37 13.58 16.74
C VAL A 268 -12.75 13.11 18.14
N GLY A 269 -13.89 12.41 18.24
CA GLY A 269 -14.34 11.79 19.48
C GLY A 269 -13.63 10.48 19.72
N GLN A 270 -14.20 9.61 20.57
CA GLN A 270 -13.60 8.29 20.76
C GLN A 270 -14.24 7.24 19.87
N GLU A 271 -15.34 7.66 19.27
CA GLU A 271 -16.03 6.98 18.20
C GLU A 271 -15.25 6.90 16.86
N GLN A 272 -14.36 7.85 16.69
CA GLN A 272 -13.81 8.14 15.37
C GLN A 272 -12.34 7.75 15.29
N PHE A 273 -11.75 7.87 14.12
CA PHE A 273 -10.33 7.54 13.99
C PHE A 273 -9.71 8.37 12.89
N TYR A 274 -8.38 8.45 12.92
CA TYR A 274 -7.61 8.94 11.78
C TYR A 274 -6.98 7.74 11.09
N SER A 275 -6.82 7.82 9.79
CA SER A 275 -6.11 6.77 9.11
C SER A 275 -5.17 7.47 8.15
N ILE A 276 -3.90 7.08 8.16
CA ILE A 276 -2.96 7.59 7.16
C ILE A 276 -3.14 6.74 5.93
N LEU A 277 -3.69 7.32 4.89
CA LEU A 277 -4.00 6.52 3.72
C LEU A 277 -2.75 6.30 2.85
N ALA A 278 -1.95 7.34 2.66
CA ALA A 278 -0.72 7.22 1.91
C ALA A 278 0.22 8.35 2.30
N ALA A 279 1.52 8.06 2.29
CA ALA A 279 2.49 9.08 2.64
C ALA A 279 3.77 8.95 1.75
N ASN A 280 4.35 10.11 1.42
CA ASN A 280 5.54 10.24 0.56
C ASN A 280 6.37 11.44 1.02
N ASP A 281 7.65 11.55 0.65
CA ASP A 281 8.45 12.59 1.29
C ASP A 281 7.88 13.97 1.09
N ASP A 282 6.96 14.10 0.14
CA ASP A 282 6.22 15.35 -0.07
C ASP A 282 5.00 15.62 0.84
N MET A 283 4.16 14.60 1.11
CA MET A 283 2.87 14.82 1.78
C MET A 283 2.13 13.55 2.26
N VAL A 284 1.01 13.75 2.97
CA VAL A 284 0.12 12.63 3.33
C VAL A 284 -1.30 12.80 2.89
N PHE A 285 -1.92 11.66 2.64
CA PHE A 285 -3.36 11.59 2.53
C PHE A 285 -3.91 11.19 3.88
N MET A 286 -4.63 12.08 4.55
CA MET A 286 -5.19 11.71 5.83
C MET A 286 -6.70 11.49 5.76
N HIS A 287 -7.14 10.34 6.24
CA HIS A 287 -8.58 10.08 6.39
C HIS A 287 -9.08 10.44 7.79
N VAL A 288 -10.05 11.33 7.87
CA VAL A 288 -10.72 11.59 9.17
C VAL A 288 -12.12 10.97 9.20
N ASP A 289 -12.40 10.12 10.19
CA ASP A 289 -13.72 9.53 10.33
C ASP A 289 -14.79 10.54 10.67
N GLU A 290 -15.96 10.37 10.08
CA GLU A 290 -17.10 11.23 10.36
C GLU A 290 -17.81 10.87 11.68
N PRO A 291 -18.29 11.89 12.42
CA PRO A 291 -19.08 11.68 13.66
C PRO A 291 -20.33 10.87 13.35
N GLY A 292 -20.71 9.96 14.24
CA GLY A 292 -21.82 9.04 14.02
C GLY A 292 -21.39 7.78 13.29
N ASP A 293 -22.18 6.72 13.29
CA ASP A 293 -21.72 5.53 12.58
C ASP A 293 -21.97 5.64 11.08
N THR A 294 -21.27 6.59 10.46
CA THR A 294 -21.38 6.88 9.02
C THR A 294 -20.89 5.81 8.02
N GLY A 295 -19.75 5.18 8.30
CA GLY A 295 -19.12 4.29 7.36
C GLY A 295 -18.29 5.01 6.31
N PHE A 296 -18.13 6.31 6.52
CA PHE A 296 -17.40 7.22 5.65
C PHE A 296 -16.76 8.34 6.44
N GLY A 297 -15.85 9.02 5.75
CA GLY A 297 -15.03 10.04 6.34
C GLY A 297 -14.68 11.01 5.23
N THR A 298 -13.78 11.92 5.57
CA THR A 298 -13.28 12.90 4.65
C THR A 298 -11.81 12.67 4.49
N ILE A 299 -11.35 12.79 3.24
CA ILE A 299 -9.92 12.72 2.91
C ILE A 299 -9.28 14.09 2.91
N PHE A 300 -8.21 14.30 3.68
CA PHE A 300 -7.45 15.54 3.54
C PHE A 300 -6.05 15.27 2.96
N THR A 301 -5.56 16.17 2.12
CA THR A 301 -4.16 16.11 1.67
C THR A 301 -3.35 17.22 2.35
N SER A 302 -2.15 16.93 2.83
CA SER A 302 -1.38 17.98 3.49
C SER A 302 -0.48 18.77 2.54
N ASP A 303 0.14 19.79 3.13
CA ASP A 303 1.20 20.53 2.53
C ASP A 303 2.49 19.79 2.90
N ASP A 304 3.65 20.33 2.51
CA ASP A 304 4.90 19.60 2.66
C ASP A 304 5.38 19.59 4.10
N ARG A 305 4.70 20.33 4.96
CA ARG A 305 4.97 20.31 6.39
C ARG A 305 4.10 19.32 7.19
N GLY A 306 2.98 18.93 6.62
CA GLY A 306 2.04 18.07 7.29
C GLY A 306 1.12 18.86 8.18
N ILE A 307 1.44 20.12 8.34
CA ILE A 307 0.67 21.07 9.11
C ILE A 307 -0.65 21.49 8.52
N VAL A 308 -0.66 21.77 7.24
CA VAL A 308 -1.78 22.47 6.62
C VAL A 308 -2.53 21.55 5.74
N TYR A 309 -3.83 21.53 5.88
CA TYR A 309 -4.57 20.45 5.21
C TYR A 309 -5.62 21.01 4.26
N SER A 310 -5.87 20.28 3.20
CA SER A 310 -6.79 20.71 2.19
C SER A 310 -7.85 19.62 2.05
N LYS A 311 -9.11 19.98 2.04
CA LYS A 311 -10.11 18.94 1.96
C LYS A 311 -10.12 18.41 0.55
N SER A 312 -9.94 17.10 0.40
CA SER A 312 -9.87 16.53 -0.93
C SER A 312 -11.10 15.78 -1.36
N LEU A 313 -11.59 14.90 -0.51
CA LEU A 313 -12.72 14.08 -0.87
C LEU A 313 -13.72 13.90 0.25
N ASP A 314 -14.98 14.05 -0.10
CA ASP A 314 -16.10 13.85 0.81
C ASP A 314 -16.65 12.44 0.76
N ARG A 315 -17.12 11.97 1.92
CA ARG A 315 -17.87 10.72 2.04
C ARG A 315 -17.07 9.59 1.51
N HIS A 316 -15.83 9.55 1.97
CA HIS A 316 -14.90 8.56 1.53
C HIS A 316 -15.22 7.31 2.30
N LEU A 317 -15.58 6.25 1.61
CA LEU A 317 -15.97 5.04 2.29
C LEU A 317 -14.75 4.46 2.99
N TYR A 318 -14.79 4.42 4.30
CA TYR A 318 -13.88 3.65 5.11
C TYR A 318 -14.72 3.14 6.23
N THR A 319 -14.76 1.83 6.45
CA THR A 319 -15.66 1.28 7.47
C THR A 319 -15.06 1.26 8.87
N THR A 320 -15.92 1.61 9.83
CA THR A 320 -15.56 1.62 11.25
C THR A 320 -15.38 0.19 11.74
N THR A 321 -16.00 -0.75 11.04
CA THR A 321 -15.95 -2.17 11.39
C THR A 321 -15.13 -3.03 10.43
N GLY A 322 -13.94 -3.44 10.84
CA GLY A 322 -13.09 -4.23 9.97
C GLY A 322 -12.07 -3.42 9.17
N GLY A 323 -12.26 -2.11 9.12
CA GLY A 323 -11.28 -1.22 8.50
C GLY A 323 -11.02 -1.38 7.01
N GLU A 324 -12.09 -1.47 6.23
CA GLU A 324 -11.96 -1.55 4.78
C GLU A 324 -12.10 -0.18 4.18
N THR A 325 -11.14 0.15 3.32
CA THR A 325 -11.29 1.21 2.36
C THR A 325 -10.86 0.70 0.99
N ASP A 326 -11.38 1.33 -0.04
CA ASP A 326 -11.01 0.99 -1.40
C ASP A 326 -9.81 1.82 -1.85
N PHE A 327 -9.22 2.60 -0.94
CA PHE A 327 -8.27 3.63 -1.33
C PHE A 327 -6.99 3.05 -1.95
N THR A 328 -6.70 3.48 -3.16
CA THR A 328 -5.68 2.82 -3.94
C THR A 328 -4.73 3.81 -4.62
N ASN A 329 -3.45 3.69 -4.30
CA ASN A 329 -2.41 4.33 -5.10
C ASN A 329 -2.24 3.55 -6.38
N VAL A 330 -2.47 4.22 -7.50
CA VAL A 330 -2.25 3.59 -8.77
C VAL A 330 -0.76 3.87 -9.09
N THR A 331 0.04 2.83 -8.92
CA THR A 331 1.43 3.06 -8.75
C THR A 331 2.14 3.04 -10.09
N SER A 332 1.38 2.89 -11.17
CA SER A 332 1.94 2.85 -12.50
C SER A 332 1.81 4.18 -13.26
N LEU A 333 1.22 5.19 -12.63
CA LEU A 333 1.28 6.55 -13.13
C LEU A 333 1.24 7.57 -11.98
N ARG A 334 2.19 8.49 -11.99
CA ARG A 334 2.38 9.51 -10.97
C ARG A 334 1.12 10.36 -10.83
N GLY A 335 0.75 10.65 -9.60
CA GLY A 335 -0.39 11.51 -9.34
C GLY A 335 -1.72 10.78 -9.19
N VAL A 336 -1.77 9.47 -9.48
CA VAL A 336 -3.04 8.82 -9.70
C VAL A 336 -3.51 7.86 -8.59
N TYR A 337 -4.71 8.14 -8.08
CA TYR A 337 -5.29 7.37 -7.00
C TYR A 337 -6.77 7.10 -7.24
N ILE A 338 -7.21 5.90 -6.88
CA ILE A 338 -8.64 5.65 -6.98
C ILE A 338 -9.18 5.27 -5.61
N THR A 339 -10.47 5.56 -5.39
CA THR A 339 -11.12 5.35 -4.10
C THR A 339 -12.65 5.26 -4.22
N SER A 340 -13.32 4.76 -3.18
CA SER A 340 -14.77 4.68 -3.20
C SER A 340 -15.40 5.78 -2.37
N VAL A 341 -16.51 6.30 -2.84
CA VAL A 341 -17.31 7.19 -2.01
C VAL A 341 -18.76 6.72 -1.84
N LEU A 342 -19.34 7.09 -0.70
CA LEU A 342 -20.71 6.74 -0.40
C LEU A 342 -21.60 7.89 -0.84
N SER A 343 -22.47 7.69 -1.82
CA SER A 343 -23.26 8.83 -2.28
C SER A 343 -24.36 9.16 -1.26
N GLU A 344 -25.14 10.20 -1.54
CA GLU A 344 -26.22 10.62 -0.63
C GLU A 344 -27.25 9.53 -0.49
N ASP A 345 -27.69 9.00 -1.62
CA ASP A 345 -28.33 7.69 -1.67
C ASP A 345 -27.31 6.65 -1.23
N ASN A 346 -27.71 5.51 -0.65
CA ASN A 346 -26.62 4.62 -0.26
C ASN A 346 -26.23 3.61 -1.32
N SER A 347 -25.26 4.05 -2.07
CA SER A 347 -24.71 3.32 -3.18
C SER A 347 -23.25 3.79 -3.30
N ILE A 348 -22.40 2.88 -3.76
CA ILE A 348 -20.98 3.17 -3.79
C ILE A 348 -20.48 3.49 -5.21
N GLN A 349 -19.93 4.68 -5.38
CA GLN A 349 -19.23 5.03 -6.64
C GLN A 349 -17.72 5.10 -6.52
N THR A 350 -17.05 4.70 -7.59
CA THR A 350 -15.60 4.84 -7.66
C THR A 350 -15.20 6.24 -8.16
N MET A 351 -14.14 6.79 -7.56
CA MET A 351 -13.58 8.07 -7.99
C MET A 351 -12.07 7.97 -8.23
N ILE A 352 -11.62 8.70 -9.25
CA ILE A 352 -10.22 8.71 -9.59
C ILE A 352 -9.72 10.14 -9.55
N THR A 353 -8.52 10.34 -9.01
CA THR A 353 -7.83 11.64 -9.05
C THR A 353 -6.59 11.45 -9.88
N PHE A 354 -6.29 12.38 -10.80
CA PHE A 354 -5.01 12.32 -11.51
C PHE A 354 -3.95 13.26 -10.97
N ASP A 355 -4.35 14.22 -10.16
CA ASP A 355 -3.44 15.28 -9.67
C ASP A 355 -3.06 15.20 -8.19
N GLN A 356 -3.09 14.01 -7.60
CA GLN A 356 -2.78 13.86 -6.18
C GLN A 356 -3.89 14.47 -5.28
N GLY A 357 -5.14 14.35 -5.70
CA GLY A 357 -6.26 14.65 -4.83
C GLY A 357 -6.76 16.08 -4.90
N GLY A 358 -6.22 16.82 -5.87
CA GLY A 358 -6.62 18.17 -6.12
C GLY A 358 -7.95 18.10 -6.81
N ARG A 359 -8.23 17.04 -7.56
CA ARG A 359 -9.58 16.87 -8.05
C ARG A 359 -9.96 15.44 -8.31
N TRP A 360 -11.21 15.09 -7.97
CA TRP A 360 -11.71 13.74 -8.20
C TRP A 360 -12.82 13.74 -9.21
N THR A 361 -12.99 12.62 -9.89
CA THR A 361 -13.89 12.54 -11.01
C THR A 361 -14.31 11.08 -11.19
N HIS A 362 -15.26 10.82 -12.09
CA HIS A 362 -15.68 9.46 -12.35
C HIS A 362 -14.74 8.87 -13.42
N LEU A 363 -14.32 7.61 -13.26
CA LEU A 363 -13.61 6.86 -14.29
C LEU A 363 -14.45 6.77 -15.53
N ARG A 364 -13.83 6.92 -16.69
CA ARG A 364 -14.55 6.86 -17.93
C ARG A 364 -14.83 5.42 -18.30
N LYS A 365 -16.07 5.14 -18.71
CA LYS A 365 -16.46 3.80 -19.08
C LYS A 365 -15.85 3.42 -20.43
N PRO A 366 -15.60 2.12 -20.64
CA PRO A 366 -15.02 1.64 -21.89
C PRO A 366 -15.84 2.11 -23.07
N GLU A 367 -15.23 2.32 -24.24
CA GLU A 367 -15.96 2.85 -25.38
C GLU A 367 -17.19 2.01 -25.70
N ASN A 368 -17.01 0.70 -25.69
CA ASN A 368 -18.04 -0.23 -26.12
C ASN A 368 -18.86 -0.88 -25.01
N SER A 369 -18.53 -0.57 -23.77
CA SER A 369 -19.30 -1.09 -22.64
C SER A 369 -20.68 -0.44 -22.58
N GLU A 370 -21.69 -1.22 -22.22
CA GLU A 370 -23.02 -0.66 -22.05
C GLU A 370 -23.38 -0.71 -20.58
N CYS A 371 -24.32 0.15 -20.20
CA CYS A 371 -24.71 0.35 -18.79
C CYS A 371 -25.49 -0.81 -18.17
N ASP A 372 -25.37 -0.94 -16.84
CA ASP A 372 -26.09 -1.97 -16.11
C ASP A 372 -27.34 -1.40 -15.45
N ALA A 373 -28.03 -2.21 -14.64
CA ALA A 373 -29.31 -1.80 -14.07
C ALA A 373 -29.14 -0.68 -13.06
N THR A 374 -27.93 -0.51 -12.57
CA THR A 374 -27.59 0.57 -11.66
C THR A 374 -27.76 1.93 -12.34
N ALA A 375 -27.55 1.97 -13.65
CA ALA A 375 -27.48 3.23 -14.37
C ALA A 375 -28.87 3.73 -14.70
N LYS A 376 -29.16 4.95 -14.28
CA LYS A 376 -30.46 5.53 -14.56
C LYS A 376 -30.58 5.95 -16.03
N ASN A 377 -29.44 6.16 -16.67
CA ASN A 377 -29.40 6.37 -18.11
C ASN A 377 -28.57 5.28 -18.76
N LYS A 378 -29.07 4.78 -19.89
CA LYS A 378 -28.53 3.57 -20.49
C LYS A 378 -27.29 3.74 -21.39
N ASN A 379 -27.17 4.88 -22.07
CA ASN A 379 -25.93 5.15 -22.84
C ASN A 379 -24.84 5.81 -22.00
N GLU A 380 -25.22 6.39 -20.85
CA GLU A 380 -24.32 7.18 -20.00
C GLU A 380 -24.13 6.68 -18.57
N CYS A 381 -22.94 6.12 -18.35
CA CYS A 381 -22.52 5.46 -17.11
C CYS A 381 -20.98 5.44 -16.99
N SER A 382 -20.48 5.13 -15.79
CA SER A 382 -19.08 5.14 -15.48
C SER A 382 -18.56 3.74 -15.32
N LEU A 383 -17.26 3.65 -15.05
CA LEU A 383 -16.67 2.45 -14.52
C LEU A 383 -16.52 2.59 -13.00
N HIS A 384 -16.77 1.50 -12.29
CA HIS A 384 -16.65 1.43 -10.85
C HIS A 384 -15.78 0.22 -10.54
N ILE A 385 -15.02 0.29 -9.47
CA ILE A 385 -13.98 -0.69 -9.27
C ILE A 385 -14.25 -1.50 -8.02
N HIS A 386 -14.13 -2.81 -8.14
CA HIS A 386 -14.11 -3.69 -6.97
C HIS A 386 -12.75 -3.66 -6.32
N ALA A 387 -12.72 -3.39 -5.03
CA ALA A 387 -11.49 -3.36 -4.25
C ALA A 387 -11.80 -3.92 -2.85
N SER A 388 -10.98 -3.61 -1.84
CA SER A 388 -11.11 -4.22 -0.52
C SER A 388 -12.54 -4.27 -0.01
N TYR A 389 -13.25 -3.18 -0.18
CA TYR A 389 -14.58 -3.14 0.32
C TYR A 389 -15.48 -4.19 -0.32
N SER A 390 -15.45 -4.28 -1.65
CA SER A 390 -16.21 -5.31 -2.36
C SER A 390 -15.88 -6.70 -1.83
N ILE A 391 -14.59 -7.01 -1.81
CA ILE A 391 -14.10 -8.32 -1.35
C ILE A 391 -14.64 -8.65 0.03
N SER A 392 -14.62 -7.68 0.93
CA SER A 392 -15.04 -7.92 2.30
C SER A 392 -16.53 -8.22 2.38
N GLN A 393 -17.30 -7.81 1.38
CA GLN A 393 -18.73 -8.04 1.42
C GLN A 393 -19.07 -9.37 0.78
N LYS A 394 -18.05 -10.16 0.48
CA LYS A 394 -18.21 -11.50 -0.08
C LYS A 394 -18.83 -11.46 -1.48
N LEU A 395 -18.65 -10.34 -2.16
CA LEU A 395 -18.88 -10.24 -3.61
C LEU A 395 -17.92 -11.16 -4.34
N ASN A 396 -18.20 -11.48 -5.59
CA ASN A 396 -17.34 -12.45 -6.24
C ASN A 396 -16.20 -11.71 -6.92
N VAL A 397 -15.14 -11.55 -6.14
CA VAL A 397 -13.96 -10.77 -6.49
C VAL A 397 -12.68 -11.46 -6.06
N PRO A 398 -12.05 -12.23 -6.96
CA PRO A 398 -10.82 -12.90 -6.49
C PRO A 398 -9.64 -11.94 -6.20
N MET A 399 -9.53 -10.78 -6.87
CA MET A 399 -8.39 -9.86 -6.67
C MET A 399 -8.72 -8.39 -6.68
N ALA A 400 -8.01 -7.63 -5.84
CA ALA A 400 -8.07 -6.17 -5.85
C ALA A 400 -7.42 -5.58 -7.11
N PRO A 401 -7.49 -4.27 -7.31
CA PRO A 401 -6.88 -3.67 -8.51
C PRO A 401 -5.35 -3.85 -8.49
N LEU A 402 -4.73 -4.14 -9.64
CA LEU A 402 -3.29 -4.34 -9.65
C LEU A 402 -2.58 -3.38 -10.59
N SER A 403 -1.49 -2.80 -10.09
CA SER A 403 -0.61 -2.03 -10.95
C SER A 403 0.83 -2.12 -10.46
N GLU A 404 1.78 -2.05 -11.38
CA GLU A 404 3.18 -2.04 -11.00
C GLU A 404 3.88 -0.80 -11.58
N PRO A 405 4.75 -0.16 -10.78
CA PRO A 405 5.57 0.98 -11.24
C PRO A 405 6.42 0.65 -12.48
N ASN A 406 6.97 -0.55 -12.61
CA ASN A 406 7.75 -0.88 -13.82
C ASN A 406 6.93 -0.91 -15.07
N ALA A 407 5.63 -1.17 -14.93
CA ALA A 407 4.84 -1.27 -16.14
C ALA A 407 4.00 -0.01 -16.23
N VAL A 408 4.57 0.94 -16.96
CA VAL A 408 4.02 2.27 -17.07
C VAL A 408 2.58 2.25 -17.55
N GLY A 409 1.71 2.95 -16.84
CA GLY A 409 0.34 3.14 -17.29
C GLY A 409 -0.65 2.03 -17.01
N ILE A 410 -0.16 0.85 -16.65
CA ILE A 410 -1.05 -0.30 -16.60
C ILE A 410 -1.85 -0.45 -15.31
N VAL A 411 -3.16 -0.57 -15.45
CA VAL A 411 -4.02 -0.87 -14.28
C VAL A 411 -4.99 -1.96 -14.63
N ILE A 412 -5.04 -2.98 -13.78
CA ILE A 412 -5.98 -4.10 -13.97
C ILE A 412 -6.89 -4.25 -12.78
N ALA A 413 -8.19 -4.35 -13.03
CA ALA A 413 -9.18 -4.45 -11.93
C ALA A 413 -10.50 -5.10 -12.32
N HIS A 414 -11.13 -5.74 -11.35
CA HIS A 414 -12.52 -6.13 -11.53
C HIS A 414 -13.35 -4.87 -11.42
N GLY A 415 -14.41 -4.79 -12.20
CA GLY A 415 -15.23 -3.62 -12.14
C GLY A 415 -16.63 -3.89 -12.63
N SER A 416 -17.44 -2.83 -12.62
CA SER A 416 -18.71 -2.90 -13.28
C SER A 416 -18.98 -1.52 -13.89
N VAL A 417 -19.87 -1.51 -14.88
CA VAL A 417 -20.18 -0.30 -15.64
C VAL A 417 -21.65 0.09 -15.40
N GLY A 418 -21.84 1.24 -14.75
CA GLY A 418 -23.15 1.73 -14.37
C GLY A 418 -23.00 2.97 -13.53
N ASP A 419 -24.00 3.26 -12.68
CA ASP A 419 -23.89 4.43 -11.81
C ASP A 419 -23.34 4.10 -10.43
N ALA A 420 -23.10 2.82 -10.17
CA ALA A 420 -22.57 2.39 -8.89
C ALA A 420 -21.95 1.02 -9.01
N ILE A 421 -21.31 0.62 -7.92
CA ILE A 421 -20.76 -0.72 -7.79
C ILE A 421 -21.91 -1.72 -7.82
N SER A 422 -21.77 -2.64 -8.75
CA SER A 422 -22.76 -3.64 -9.01
C SER A 422 -22.41 -4.91 -8.26
N VAL A 423 -23.43 -5.55 -7.68
CA VAL A 423 -23.28 -6.84 -7.01
C VAL A 423 -23.13 -7.96 -8.01
N MET A 424 -23.32 -7.72 -9.29
CA MET A 424 -23.17 -8.81 -10.25
C MET A 424 -21.73 -9.34 -10.42
N VAL A 425 -21.62 -10.52 -10.98
CA VAL A 425 -20.33 -11.15 -11.20
C VAL A 425 -19.49 -10.33 -12.21
N PRO A 426 -18.39 -9.73 -11.74
CA PRO A 426 -17.77 -8.69 -12.54
C PRO A 426 -16.85 -9.23 -13.64
N ASP A 427 -16.73 -8.49 -14.75
CA ASP A 427 -15.71 -8.77 -15.74
C ASP A 427 -14.43 -8.15 -15.25
N VAL A 428 -13.36 -8.31 -16.03
CA VAL A 428 -12.07 -7.71 -15.68
C VAL A 428 -11.73 -6.60 -16.69
N TYR A 429 -11.36 -5.43 -16.17
CA TYR A 429 -11.11 -4.26 -17.02
C TYR A 429 -9.65 -3.85 -16.91
N ILE A 430 -9.10 -3.37 -18.03
CA ILE A 430 -7.72 -2.92 -18.10
C ILE A 430 -7.57 -1.52 -18.68
N SER A 431 -6.56 -0.80 -18.19
CA SER A 431 -6.20 0.52 -18.67
C SER A 431 -4.72 0.56 -18.96
N ASP A 432 -4.30 1.07 -20.12
CA ASP A 432 -2.85 1.28 -20.31
C ASP A 432 -2.34 2.71 -20.09
N ASP A 433 -3.24 3.68 -19.96
CA ASP A 433 -2.85 5.07 -19.73
C ASP A 433 -2.94 5.55 -18.29
N GLY A 434 -3.00 4.65 -17.33
CA GLY A 434 -3.02 5.08 -15.94
C GLY A 434 -4.44 5.40 -15.45
N GLY A 435 -5.46 4.97 -16.17
CA GLY A 435 -6.81 5.12 -15.69
C GLY A 435 -7.64 6.18 -16.36
N TYR A 436 -7.16 6.78 -17.44
CA TYR A 436 -7.97 7.73 -18.18
C TYR A 436 -8.97 6.97 -19.05
N SER A 437 -8.54 5.82 -19.57
CA SER A 437 -9.41 5.06 -20.47
C SER A 437 -9.32 3.59 -20.14
N TRP A 438 -10.37 2.85 -20.49
CA TRP A 438 -10.48 1.45 -20.12
C TRP A 438 -11.12 0.57 -21.16
N THR A 439 -10.79 -0.71 -21.10
CA THR A 439 -11.49 -1.69 -21.91
C THR A 439 -11.66 -2.95 -21.08
N LYS A 440 -12.67 -3.75 -21.45
CA LYS A 440 -12.83 -5.05 -20.82
C LYS A 440 -11.65 -5.94 -21.26
N MET A 441 -10.89 -6.42 -20.28
CA MET A 441 -9.80 -7.34 -20.56
C MET A 441 -10.33 -8.75 -20.80
N LEU A 442 -11.12 -9.23 -19.86
CA LEU A 442 -11.61 -10.59 -19.86
C LEU A 442 -12.99 -10.58 -19.29
N GLU A 443 -13.88 -11.38 -19.84
CA GLU A 443 -15.20 -11.47 -19.26
C GLU A 443 -15.17 -12.53 -18.17
N GLY A 444 -15.67 -12.19 -16.99
CA GLY A 444 -15.69 -13.11 -15.87
C GLY A 444 -14.55 -12.79 -14.92
N PRO A 445 -14.63 -13.31 -13.70
CA PRO A 445 -13.58 -12.97 -12.73
C PRO A 445 -12.32 -13.77 -13.02
N HIS A 446 -11.17 -13.21 -12.66
CA HIS A 446 -9.89 -13.83 -12.96
C HIS A 446 -8.89 -13.48 -11.89
N TYR A 447 -7.87 -14.32 -11.75
CA TYR A 447 -6.66 -13.90 -11.05
C TYR A 447 -5.70 -13.38 -12.12
N TYR A 448 -4.94 -12.34 -11.81
CA TYR A 448 -3.99 -11.78 -12.77
C TYR A 448 -2.64 -11.39 -12.14
N THR A 449 -1.55 -11.56 -12.88
CA THR A 449 -0.30 -10.91 -12.51
C THR A 449 0.34 -10.28 -13.74
N ILE A 450 1.35 -9.46 -13.46
CA ILE A 450 2.19 -8.85 -14.49
C ILE A 450 3.64 -9.34 -14.39
N LEU A 451 4.15 -9.80 -15.53
CA LEU A 451 5.52 -10.28 -15.61
C LEU A 451 6.28 -9.36 -16.54
N ASP A 452 7.63 -9.37 -16.41
CA ASP A 452 8.55 -8.65 -17.29
C ASP A 452 8.16 -7.20 -17.55
N SER A 453 7.91 -6.44 -16.48
CA SER A 453 7.57 -5.02 -16.59
C SER A 453 6.49 -4.78 -17.65
N GLY A 454 5.48 -5.65 -17.68
CA GLY A 454 4.38 -5.56 -18.63
C GLY A 454 4.55 -6.35 -19.92
N GLY A 455 5.70 -7.02 -20.07
CA GLY A 455 5.95 -7.78 -21.27
C GLY A 455 4.93 -8.89 -21.44
N ILE A 456 4.47 -9.41 -20.32
CA ILE A 456 3.49 -10.48 -20.31
C ILE A 456 2.45 -10.16 -19.28
N ILE A 457 1.19 -10.46 -19.58
CA ILE A 457 0.17 -10.46 -18.56
C ILE A 457 -0.45 -11.84 -18.49
N VAL A 458 -0.68 -12.32 -17.28
CA VAL A 458 -1.13 -13.69 -17.10
C VAL A 458 -2.45 -13.73 -16.31
N ALA A 459 -3.35 -14.63 -16.68
CA ALA A 459 -4.67 -14.66 -16.05
C ALA A 459 -5.20 -16.09 -15.84
N ILE A 460 -5.86 -16.33 -14.69
CA ILE A 460 -6.46 -17.63 -14.39
C ILE A 460 -7.96 -17.46 -14.18
N GLU A 461 -8.77 -18.22 -14.90
CA GLU A 461 -10.21 -18.08 -14.72
C GLU A 461 -10.57 -18.46 -13.29
N HIS A 462 -11.46 -17.67 -12.69
CA HIS A 462 -11.91 -17.97 -11.36
C HIS A 462 -13.17 -18.79 -11.44
N SER A 463 -13.05 -20.05 -11.11
CA SER A 463 -14.14 -20.95 -11.36
C SER A 463 -14.57 -21.52 -10.03
N SER A 464 -15.82 -21.89 -9.93
CA SER A 464 -16.21 -22.62 -8.75
C SER A 464 -15.49 -24.02 -8.60
N ARG A 465 -14.76 -24.46 -9.65
CA ARG A 465 -14.29 -25.85 -9.92
C ARG A 465 -12.99 -25.94 -10.80
N PRO A 466 -12.38 -27.13 -10.98
CA PRO A 466 -11.00 -27.17 -11.44
C PRO A 466 -10.71 -26.65 -12.83
N ILE A 467 -9.52 -26.10 -12.95
CA ILE A 467 -9.07 -25.48 -14.17
C ILE A 467 -7.73 -26.12 -14.54
N ASN A 468 -7.57 -26.50 -15.80
CA ASN A 468 -6.26 -26.90 -16.27
C ASN A 468 -5.54 -25.82 -17.10
N VAL A 469 -6.13 -24.62 -17.17
CA VAL A 469 -5.67 -23.62 -18.13
C VAL A 469 -5.27 -22.23 -17.60
N ILE A 470 -4.14 -21.74 -18.11
CA ILE A 470 -3.66 -20.39 -17.83
C ILE A 470 -3.73 -19.56 -19.12
N LYS A 471 -4.07 -18.28 -18.99
CA LYS A 471 -4.14 -17.38 -20.12
C LYS A 471 -3.01 -16.35 -20.08
N PHE A 472 -2.48 -16.00 -21.25
CA PHE A 472 -1.41 -15.00 -21.30
C PHE A 472 -1.53 -14.07 -22.51
N SER A 473 -0.98 -12.88 -22.34
CA SER A 473 -1.07 -11.82 -23.34
C SER A 473 0.25 -11.07 -23.42
N THR A 474 0.81 -10.94 -24.62
CA THR A 474 2.06 -10.18 -24.78
C THR A 474 1.87 -8.75 -25.29
N ASP A 475 0.64 -8.38 -25.63
CA ASP A 475 0.32 -7.03 -26.11
C ASP A 475 -0.32 -6.13 -25.04
N GLU A 476 -0.19 -6.49 -23.77
CA GLU A 476 -0.81 -5.74 -22.65
C GLU A 476 -2.33 -5.87 -22.58
N GLY A 477 -2.84 -7.07 -22.83
CA GLY A 477 -4.23 -7.38 -22.58
C GLY A 477 -5.18 -7.15 -23.74
N GLN A 478 -4.65 -6.80 -24.91
CA GLN A 478 -5.48 -6.64 -26.09
C GLN A 478 -5.79 -7.97 -26.75
N CYS A 479 -4.89 -8.95 -26.58
CA CYS A 479 -5.06 -10.28 -27.17
C CYS A 479 -4.58 -11.37 -26.24
N TRP A 480 -5.27 -12.50 -26.29
CA TRP A 480 -5.02 -13.57 -25.34
C TRP A 480 -4.84 -14.92 -26.03
N GLN A 481 -4.00 -15.76 -25.43
CA GLN A 481 -3.79 -17.10 -25.92
C GLN A 481 -3.96 -18.05 -24.72
N THR A 482 -4.63 -19.17 -24.95
CA THR A 482 -4.90 -20.15 -23.89
C THR A 482 -3.86 -21.28 -23.90
N TYR A 483 -3.32 -21.60 -22.73
CA TYR A 483 -2.41 -22.73 -22.59
C TYR A 483 -2.85 -23.69 -21.48
N THR A 484 -2.85 -24.99 -21.80
CA THR A 484 -3.18 -26.05 -20.82
C THR A 484 -1.90 -26.52 -20.15
N PHE A 485 -1.75 -26.21 -18.87
CA PHE A 485 -0.49 -26.48 -18.18
C PHE A 485 -0.43 -27.80 -17.45
N THR A 486 -1.58 -28.46 -17.33
CA THR A 486 -1.69 -29.74 -16.67
C THR A 486 -2.85 -30.47 -17.31
N ARG A 487 -2.74 -31.77 -17.50
CA ARG A 487 -3.89 -32.47 -18.04
C ARG A 487 -4.68 -33.19 -16.91
N ASP A 488 -4.18 -33.09 -15.68
CA ASP A 488 -5.01 -33.40 -14.51
C ASP A 488 -5.33 -32.11 -13.78
N PRO A 489 -6.57 -31.61 -13.94
CA PRO A 489 -6.96 -30.26 -13.49
C PRO A 489 -6.82 -30.06 -11.99
N ILE A 490 -6.70 -28.81 -11.56
CA ILE A 490 -6.57 -28.48 -10.13
C ILE A 490 -7.64 -27.51 -9.66
N TYR A 491 -7.97 -27.56 -8.37
CA TYR A 491 -8.77 -26.52 -7.73
C TYR A 491 -7.82 -25.36 -7.42
N PHE A 492 -8.02 -24.21 -8.07
CA PHE A 492 -6.99 -23.17 -8.04
C PHE A 492 -7.25 -21.99 -7.11
N THR A 493 -6.33 -21.76 -6.19
CA THR A 493 -6.44 -20.66 -5.25
C THR A 493 -5.62 -19.40 -5.57
N GLY A 494 -4.35 -19.58 -5.95
CA GLY A 494 -3.46 -18.44 -6.09
C GLY A 494 -2.25 -18.52 -7.00
N LEU A 495 -1.73 -17.34 -7.35
CA LEU A 495 -0.51 -17.17 -8.11
C LEU A 495 0.56 -16.68 -7.18
N ALA A 496 1.73 -17.29 -7.26
CA ALA A 496 2.93 -16.73 -6.65
C ALA A 496 3.87 -16.27 -7.76
N SER A 497 4.47 -15.11 -7.61
CA SER A 497 5.52 -14.72 -8.54
C SER A 497 6.40 -13.68 -7.87
N GLU A 498 7.64 -13.56 -8.34
CA GLU A 498 8.61 -12.68 -7.71
C GLU A 498 8.13 -11.22 -7.69
N PRO A 499 8.12 -10.65 -6.48
CA PRO A 499 7.70 -9.28 -6.25
C PRO A 499 8.63 -8.33 -6.98
N GLY A 500 8.05 -7.27 -7.53
CA GLY A 500 8.77 -6.38 -8.42
C GLY A 500 8.45 -6.63 -9.88
N ALA A 501 7.64 -7.66 -10.15
CA ALA A 501 7.08 -7.89 -11.49
C ALA A 501 8.15 -7.89 -12.60
N ARG A 502 9.33 -8.40 -12.28
CA ARG A 502 10.40 -8.51 -13.23
C ARG A 502 10.73 -9.90 -13.76
N SER A 503 10.08 -10.95 -13.26
CA SER A 503 10.57 -12.25 -13.67
C SER A 503 9.65 -12.75 -14.74
N MET A 504 10.03 -13.85 -15.37
CA MET A 504 9.20 -14.51 -16.36
C MET A 504 8.65 -15.80 -15.81
N ASN A 505 8.93 -16.03 -14.53
CA ASN A 505 8.43 -17.20 -13.84
C ASN A 505 7.11 -16.90 -13.06
N ILE A 506 6.10 -17.73 -13.29
CA ILE A 506 4.82 -17.70 -12.56
C ILE A 506 4.49 -19.07 -11.94
N SER A 507 4.00 -19.07 -10.70
CA SER A 507 3.64 -20.29 -9.97
C SER A 507 2.14 -20.42 -9.76
N ILE A 508 1.50 -21.42 -10.38
CA ILE A 508 0.07 -21.65 -10.19
C ILE A 508 -0.19 -22.63 -9.03
N TRP A 509 -0.88 -22.19 -7.99
CA TRP A 509 -1.07 -23.05 -6.84
C TRP A 509 -2.51 -23.59 -6.71
N GLY A 510 -2.63 -24.80 -6.16
CA GLY A 510 -3.94 -25.37 -5.91
C GLY A 510 -3.84 -26.80 -5.44
N PHE A 511 -4.99 -27.47 -5.31
CA PHE A 511 -5.02 -28.87 -4.89
C PHE A 511 -5.80 -29.74 -5.86
N THR A 512 -5.55 -31.04 -5.81
CA THR A 512 -6.23 -32.00 -6.67
C THR A 512 -7.60 -32.35 -6.11
N GLU A 513 -8.41 -33.13 -6.81
CA GLU A 513 -9.76 -33.33 -6.31
C GLU A 513 -9.87 -34.59 -5.46
N SER A 514 -11.05 -34.74 -4.83
CA SER A 514 -11.30 -35.62 -3.69
C SER A 514 -10.63 -35.12 -2.40
N THR A 517 -8.13 -37.48 0.88
CA THR A 517 -7.60 -38.04 -0.37
C THR A 517 -7.17 -36.93 -1.33
N SER A 518 -6.09 -36.24 -0.98
CA SER A 518 -5.64 -35.07 -1.71
C SER A 518 -4.17 -34.72 -1.51
N GLN A 519 -3.66 -33.81 -2.36
CA GLN A 519 -2.44 -33.04 -2.06
C GLN A 519 -2.42 -31.64 -2.73
N TRP A 520 -1.75 -30.67 -2.09
CA TRP A 520 -1.47 -29.38 -2.73
C TRP A 520 -0.42 -29.52 -3.83
N VAL A 521 -0.56 -28.78 -4.91
CA VAL A 521 0.38 -28.88 -6.03
C VAL A 521 0.71 -27.46 -6.53
N SER A 522 1.87 -27.28 -7.16
CA SER A 522 2.19 -25.99 -7.80
C SER A 522 2.80 -26.23 -9.17
N TYR A 523 2.28 -25.56 -10.18
CA TYR A 523 2.87 -25.61 -11.51
C TYR A 523 3.56 -24.27 -11.79
N THR A 524 4.89 -24.27 -11.83
CA THR A 524 5.62 -23.06 -12.15
C THR A 524 6.07 -23.02 -13.62
N ILE A 525 5.58 -22.03 -14.34
CA ILE A 525 5.86 -21.88 -15.76
C ILE A 525 6.90 -20.80 -16.02
N ASP A 526 7.94 -21.16 -16.75
CA ASP A 526 8.93 -20.19 -17.19
C ASP A 526 8.54 -19.76 -18.60
N PHE A 527 8.42 -18.45 -18.78
CA PHE A 527 8.08 -17.86 -20.08
C PHE A 527 9.34 -17.59 -20.87
N LYS A 528 10.43 -18.16 -20.37
CA LYS A 528 11.77 -17.94 -20.89
C LYS A 528 11.84 -17.94 -22.41
N ASP A 529 11.26 -18.95 -23.05
CA ASP A 529 11.31 -19.03 -24.50
C ASP A 529 10.07 -18.46 -25.23
N ILE A 530 9.00 -18.14 -24.51
CA ILE A 530 7.86 -17.44 -25.14
C ILE A 530 8.30 -16.05 -25.63
N LEU A 531 9.06 -15.32 -24.83
CA LEU A 531 9.72 -14.13 -25.35
C LEU A 531 11.18 -14.49 -25.56
N GLU A 532 11.54 -14.77 -26.81
CA GLU A 532 12.85 -15.30 -27.12
C GLU A 532 13.90 -14.21 -27.27
N ARG A 533 13.54 -13.13 -27.95
CA ARG A 533 14.50 -12.09 -28.26
C ARG A 533 14.36 -10.95 -27.29
N ASN A 534 15.49 -10.37 -26.93
CA ASN A 534 15.48 -9.25 -26.03
C ASN A 534 15.03 -8.00 -26.70
N CYS A 535 14.44 -7.16 -25.88
CA CYS A 535 14.12 -5.78 -26.26
C CYS A 535 15.35 -4.89 -26.34
N GLU A 536 15.22 -3.90 -27.23
CA GLU A 536 16.20 -2.91 -27.62
C GLU A 536 15.39 -1.71 -28.11
N GLU A 537 16.05 -0.56 -28.27
CA GLU A 537 15.41 0.74 -28.43
C GLU A 537 14.22 0.76 -29.42
N LYS A 538 14.32 -0.08 -30.43
CA LYS A 538 13.43 -0.02 -31.56
C LYS A 538 12.01 -0.31 -31.18
N ASP A 539 11.85 -1.23 -30.26
CA ASP A 539 10.55 -1.62 -29.80
C ASP A 539 9.78 -0.53 -29.05
N TYR A 540 10.49 0.27 -28.28
CA TYR A 540 9.89 1.34 -27.52
C TYR A 540 9.41 2.50 -28.33
N THR A 541 8.47 3.26 -27.78
CA THR A 541 7.87 4.33 -28.50
C THR A 541 7.69 5.48 -27.53
N ILE A 542 7.61 6.69 -28.06
CA ILE A 542 7.54 7.89 -27.24
C ILE A 542 6.10 8.06 -26.74
N TRP A 543 5.92 8.11 -25.42
CA TRP A 543 4.58 8.28 -24.84
C TRP A 543 4.51 9.40 -23.85
N LEU A 544 3.79 10.47 -24.17
CA LEU A 544 3.53 11.51 -23.16
C LEU A 544 2.45 11.05 -22.17
N ALA A 545 2.80 10.98 -20.88
CA ALA A 545 1.82 10.64 -19.83
C ALA A 545 0.86 11.78 -19.63
N HIS A 546 -0.33 11.46 -19.12
CA HIS A 546 -1.33 12.43 -18.76
C HIS A 546 -1.81 13.27 -19.94
N SER A 547 -1.81 12.75 -21.16
CA SER A 547 -2.23 13.60 -22.27
C SER A 547 -3.72 13.69 -22.48
N THR A 548 -4.20 14.91 -22.42
CA THR A 548 -5.60 15.21 -22.65
C THR A 548 -5.85 15.86 -23.99
N ASP A 549 -5.04 16.85 -24.33
CA ASP A 549 -5.23 17.61 -25.54
C ASP A 549 -3.91 17.88 -26.26
N PRO A 550 -3.66 17.19 -27.35
CA PRO A 550 -2.32 17.20 -27.99
C PRO A 550 -1.82 18.62 -28.27
N GLU A 551 -2.73 19.49 -28.69
CA GLU A 551 -2.39 20.78 -29.31
C GLU A 551 -1.82 21.76 -28.29
N ASP A 552 -1.91 21.42 -27.02
CA ASP A 552 -1.74 22.38 -25.94
C ASP A 552 -0.33 22.43 -25.39
N TYR A 553 0.18 23.65 -25.23
CA TYR A 553 1.46 23.87 -24.57
C TYR A 553 1.56 23.18 -23.22
N GLU A 554 0.47 23.23 -22.45
CA GLU A 554 0.50 22.77 -21.08
C GLU A 554 0.05 21.34 -20.94
N ASP A 555 -0.17 20.68 -22.06
CA ASP A 555 -0.69 19.32 -22.05
C ASP A 555 0.16 18.34 -21.27
N GLY A 556 -0.50 17.62 -20.36
CA GLY A 556 0.18 16.62 -19.57
C GLY A 556 0.96 17.20 -18.42
N CYS A 557 0.81 18.49 -18.10
CA CYS A 557 1.38 18.97 -16.84
C CYS A 557 0.52 18.45 -15.68
N ILE A 558 1.16 17.66 -14.83
CA ILE A 558 0.61 17.29 -13.58
C ILE A 558 1.62 17.66 -12.51
N LEU A 559 1.22 18.56 -11.63
CA LEU A 559 2.06 19.01 -10.54
C LEU A 559 3.24 19.72 -11.15
N GLY A 560 2.97 20.52 -12.16
CA GLY A 560 3.97 21.46 -12.63
C GLY A 560 4.91 20.93 -13.69
N TYR A 561 4.75 19.66 -14.08
CA TYR A 561 5.60 19.13 -15.12
C TYR A 561 5.05 17.94 -15.90
N LYS A 562 5.61 17.72 -17.08
CA LYS A 562 5.21 16.61 -17.95
C LYS A 562 6.25 15.51 -17.85
N GLU A 563 5.81 14.27 -18.05
CA GLU A 563 6.73 13.19 -18.30
C GLU A 563 6.44 12.51 -19.62
N GLN A 564 7.49 12.43 -20.43
CA GLN A 564 7.51 11.59 -21.63
C GLN A 564 8.36 10.35 -21.41
N PHE A 565 7.74 9.23 -21.73
CA PHE A 565 8.20 7.90 -21.42
C PHE A 565 8.63 7.26 -22.69
N LEU A 566 9.52 6.29 -22.59
CA LEU A 566 9.74 5.38 -23.70
C LEU A 566 9.05 4.14 -23.20
N ARG A 567 8.25 3.56 -24.08
CA ARG A 567 7.28 2.56 -23.72
C ARG A 567 7.27 1.44 -24.75
N LEU A 568 7.21 0.21 -24.29
CA LEU A 568 7.30 -0.94 -25.18
C LEU A 568 6.09 -1.05 -26.10
N ARG A 569 6.33 -1.09 -27.42
CA ARG A 569 5.23 -1.20 -28.38
C ARG A 569 4.35 -2.41 -28.12
N LYS A 570 3.05 -2.19 -28.17
CA LYS A 570 2.14 -3.30 -28.00
C LYS A 570 2.49 -4.39 -29.01
N SER A 571 2.81 -3.99 -30.24
CA SER A 571 3.07 -4.94 -31.32
C SER A 571 4.33 -5.77 -31.10
N SER A 572 5.30 -5.19 -30.41
CA SER A 572 6.55 -5.87 -30.19
C SER A 572 6.47 -6.93 -29.11
N MET A 573 6.77 -8.14 -29.51
CA MET A 573 6.71 -9.23 -28.60
C MET A 573 8.12 -9.63 -28.21
N CYS A 574 8.53 -9.23 -27.01
CA CYS A 574 9.89 -9.48 -26.56
C CYS A 574 10.07 -9.15 -25.10
N GLN A 575 11.25 -9.45 -24.58
CA GLN A 575 11.54 -9.32 -23.15
C GLN A 575 12.29 -8.05 -22.79
N ASN A 576 11.72 -7.26 -21.87
CA ASN A 576 12.36 -6.09 -21.30
C ASN A 576 13.61 -6.45 -20.48
N GLY A 577 13.61 -7.61 -19.84
CA GLY A 577 14.74 -8.07 -19.05
C GLY A 577 14.78 -7.63 -17.61
N ARG A 578 15.41 -8.42 -16.74
CA ARG A 578 15.47 -8.10 -15.32
C ARG A 578 16.14 -6.75 -15.05
N ASP A 579 16.97 -6.27 -15.96
CA ASP A 579 17.70 -5.03 -15.70
C ASP A 579 17.01 -3.78 -16.28
N TYR A 580 15.80 -3.96 -16.83
CA TYR A 580 15.02 -2.90 -17.48
C TYR A 580 14.77 -1.68 -16.56
N VAL A 581 14.87 -0.50 -17.15
CA VAL A 581 14.80 0.78 -16.44
C VAL A 581 13.80 1.65 -17.18
N VAL A 582 12.75 2.07 -16.49
CA VAL A 582 11.74 2.94 -17.11
C VAL A 582 12.45 4.22 -17.53
N THR A 583 12.36 4.55 -18.81
CA THR A 583 13.00 5.75 -19.32
C THR A 583 11.97 6.84 -19.45
N LYS A 584 12.25 8.01 -18.90
CA LYS A 584 11.32 9.11 -19.01
C LYS A 584 12.04 10.41 -18.92
N GLN A 585 11.51 11.47 -19.53
CA GLN A 585 12.12 12.75 -19.25
C GLN A 585 11.07 13.79 -18.94
N PRO A 586 11.35 14.61 -17.92
CA PRO A 586 10.48 15.69 -17.43
C PRO A 586 10.52 16.98 -18.30
N SER A 587 9.36 17.60 -18.55
CA SER A 587 9.36 18.97 -19.05
C SER A 587 8.82 19.83 -17.93
N ILE A 588 9.51 20.90 -17.56
CA ILE A 588 9.10 21.68 -16.39
C ILE A 588 8.20 22.84 -16.79
N CYS A 589 6.94 22.76 -16.37
CA CYS A 589 5.92 23.67 -16.83
C CYS A 589 5.99 24.98 -16.11
N LEU A 590 5.46 26.01 -16.76
CA LEU A 590 5.31 27.31 -16.13
C LEU A 590 4.28 27.26 -15.01
N CYS A 591 4.59 27.89 -13.87
CA CYS A 591 3.66 28.00 -12.74
C CYS A 591 2.41 28.82 -13.04
N SER A 592 1.26 28.23 -12.75
CA SER A 592 0.01 28.97 -12.69
C SER A 592 -0.52 28.92 -11.24
N LEU A 593 -1.61 29.60 -10.95
CA LEU A 593 -2.15 29.59 -9.56
C LEU A 593 -2.55 28.18 -9.17
N GLU A 594 -2.87 27.38 -10.17
CA GLU A 594 -3.34 26.04 -9.94
C GLU A 594 -2.26 25.12 -9.44
N ASP A 595 -1.06 25.63 -9.34
CA ASP A 595 0.06 24.92 -8.72
C ASP A 595 0.16 25.29 -7.23
N PHE A 596 -0.74 26.13 -6.74
CA PHE A 596 -0.66 26.55 -5.35
C PHE A 596 -1.91 26.15 -4.56
N LEU A 597 -1.72 25.74 -3.31
CA LEU A 597 -2.84 25.46 -2.42
C LEU A 597 -3.02 26.62 -1.46
N CYS A 598 -4.28 26.90 -1.08
CA CYS A 598 -4.62 27.89 -0.05
C CYS A 598 -3.95 27.64 1.28
N ASP A 599 -3.30 28.66 1.80
CA ASP A 599 -2.58 28.57 3.04
C ASP A 599 -3.60 28.74 4.19
N PHE A 600 -3.15 28.76 5.43
CA PHE A 600 -4.11 28.91 6.50
C PHE A 600 -4.87 30.24 6.43
N GLY A 601 -6.19 30.18 6.65
CA GLY A 601 -6.99 31.38 6.65
C GLY A 601 -7.25 31.99 5.29
N TYR A 602 -7.16 31.18 4.24
CA TYR A 602 -7.50 31.57 2.87
C TYR A 602 -8.36 30.50 2.19
N TYR A 603 -9.09 30.87 1.14
CA TYR A 603 -9.99 29.92 0.49
C TYR A 603 -10.29 30.33 -0.95
N ARG A 604 -10.78 29.39 -1.73
CA ARG A 604 -11.23 29.74 -3.06
C ARG A 604 -12.74 29.73 -2.95
N PRO A 605 -13.31 30.94 -2.89
CA PRO A 605 -14.77 31.15 -2.94
C PRO A 605 -15.48 30.87 -4.27
N GLU A 606 -14.86 31.33 -5.37
CA GLU A 606 -15.41 31.25 -6.70
C GLU A 606 -14.76 30.08 -7.38
N ASN A 607 -15.10 29.84 -8.64
CA ASN A 607 -14.45 28.78 -9.37
C ASN A 607 -12.97 29.12 -9.42
N ASP A 608 -12.70 30.41 -9.51
CA ASP A 608 -11.40 30.91 -9.86
C ASP A 608 -10.39 30.39 -8.87
N SER A 609 -9.22 30.09 -9.39
CA SER A 609 -8.17 29.46 -8.64
C SER A 609 -7.73 30.34 -7.50
N LYS A 610 -7.77 31.64 -7.73
CA LYS A 610 -7.26 32.64 -6.78
C LYS A 610 -7.73 32.44 -5.31
N CYS A 611 -6.75 32.41 -4.40
CA CYS A 611 -6.96 32.20 -2.98
C CYS A 611 -7.15 33.55 -2.28
N VAL A 612 -8.31 33.73 -1.65
CA VAL A 612 -8.61 34.96 -0.93
C VAL A 612 -8.79 34.74 0.59
N GLU A 613 -8.56 35.78 1.36
CA GLU A 613 -8.69 35.74 2.82
C GLU A 613 -10.12 35.40 3.26
N GLN A 614 -10.30 34.45 4.17
CA GLN A 614 -11.63 34.08 4.63
C GLN A 614 -12.22 35.24 5.43
N PRO A 615 -13.53 35.46 5.37
CA PRO A 615 -14.10 36.61 6.07
C PRO A 615 -13.82 36.47 7.56
N GLU A 616 -13.94 35.24 8.04
CA GLU A 616 -13.56 34.86 9.39
C GLU A 616 -13.31 33.36 9.50
N LEU A 617 -12.49 32.97 10.47
CA LEU A 617 -12.35 31.56 10.85
C LEU A 617 -13.45 30.87 11.71
N LYS A 618 -13.83 29.68 11.27
CA LYS A 618 -14.87 28.84 11.84
C LYS A 618 -14.27 27.50 12.24
N GLY A 619 -14.99 26.70 13.03
CA GLY A 619 -14.65 25.29 13.25
C GLY A 619 -13.23 25.02 13.69
N HIS A 620 -12.58 24.04 13.06
CA HIS A 620 -11.23 23.67 13.47
C HIS A 620 -10.22 24.70 12.93
N ASP A 621 -10.68 25.60 12.07
CA ASP A 621 -9.83 26.72 11.67
C ASP A 621 -9.63 27.64 12.84
N LEU A 622 -10.71 27.80 13.61
CA LEU A 622 -10.68 28.63 14.79
C LEU A 622 -9.91 27.95 15.91
N GLU A 623 -10.02 26.64 15.99
CA GLU A 623 -9.27 25.94 17.04
C GLU A 623 -7.80 26.13 16.78
N PHE A 624 -7.38 25.81 15.55
CA PHE A 624 -5.99 25.95 15.15
C PHE A 624 -5.49 27.36 15.45
N CYS A 625 -6.22 28.38 15.01
CA CYS A 625 -5.84 29.75 15.33
C CYS A 625 -5.72 30.01 16.83
N LEU A 626 -6.63 29.47 17.63
CA LEU A 626 -6.55 29.78 19.04
C LEU A 626 -5.29 29.20 19.67
N TYR A 627 -5.10 27.88 19.56
CA TYR A 627 -3.99 27.20 20.22
C TYR A 627 -2.80 26.91 19.33
N GLY A 628 -2.87 27.36 18.08
CA GLY A 628 -1.86 27.00 17.09
C GLY A 628 -0.45 27.49 17.30
N ARG A 629 0.49 26.73 16.75
CA ARG A 629 1.87 27.14 16.77
C ARG A 629 2.03 28.41 15.98
N GLU A 630 2.80 29.37 16.51
CA GLU A 630 2.73 30.72 15.97
C GLU A 630 3.54 30.97 14.70
N GLU A 631 4.59 30.20 14.44
CA GLU A 631 5.38 30.46 13.23
C GLU A 631 4.50 30.28 11.96
N HIS A 632 3.53 29.36 12.00
CA HIS A 632 2.66 29.09 10.84
C HIS A 632 1.50 30.06 10.69
N LEU A 633 1.32 30.95 11.66
CA LEU A 633 0.12 31.75 11.71
C LEU A 633 0.09 32.81 10.63
N THR A 634 1.23 33.46 10.40
CA THR A 634 1.34 34.36 9.27
C THR A 634 1.37 33.51 8.02
N THR A 635 0.49 33.83 7.08
CA THR A 635 0.45 33.05 5.86
C THR A 635 0.72 33.92 4.65
N ASN A 636 1.10 33.25 3.58
CA ASN A 636 1.35 33.89 2.32
C ASN A 636 0.08 33.81 1.49
N GLY A 637 -0.95 33.23 2.09
CA GLY A 637 -2.24 32.98 1.46
C GLY A 637 -2.14 31.80 0.51
N TYR A 638 -0.90 31.45 0.20
CA TYR A 638 -0.54 30.54 -0.89
C TYR A 638 0.67 29.72 -0.57
N ARG A 639 0.53 28.43 -0.85
CA ARG A 639 1.64 27.49 -0.81
C ARG A 639 1.67 26.59 -2.03
N LYS A 640 2.87 26.43 -2.59
CA LYS A 640 3.09 25.45 -3.64
C LYS A 640 2.65 24.05 -3.22
N ILE A 641 1.80 23.46 -4.05
CA ILE A 641 1.36 22.10 -3.88
C ILE A 641 2.59 21.23 -3.65
N PRO A 642 2.57 20.37 -2.61
CA PRO A 642 3.75 19.53 -2.37
C PRO A 642 4.05 18.59 -3.53
N GLY A 643 5.33 18.56 -3.93
CA GLY A 643 5.78 17.69 -5.01
C GLY A 643 5.58 18.38 -6.34
N ASP A 644 5.15 19.63 -6.29
CA ASP A 644 4.93 20.38 -7.52
C ASP A 644 6.26 21.03 -7.95
N LYS A 645 6.73 20.70 -9.14
CA LYS A 645 8.02 21.14 -9.63
C LYS A 645 8.01 22.31 -10.62
N CYS A 646 6.86 22.91 -10.85
CA CYS A 646 6.72 23.98 -11.84
C CYS A 646 7.70 25.14 -11.61
N GLN A 647 8.12 25.80 -12.67
CA GLN A 647 9.03 26.93 -12.45
C GLN A 647 8.74 28.12 -13.31
N GLY A 648 9.01 29.27 -12.73
CA GLY A 648 8.76 30.53 -13.39
C GLY A 648 7.29 30.83 -13.32
N GLY A 649 6.80 31.51 -14.36
CA GLY A 649 5.41 31.91 -14.43
C GLY A 649 4.97 32.77 -13.26
N VAL A 650 3.78 32.47 -12.76
CA VAL A 650 3.14 33.22 -11.68
C VAL A 650 3.77 32.92 -10.33
N ASN A 651 3.93 33.94 -9.50
CA ASN A 651 4.36 33.70 -8.12
C ASN A 651 3.47 34.45 -7.14
N PRO A 652 2.31 33.86 -6.82
CA PRO A 652 1.31 34.44 -5.92
C PRO A 652 1.75 34.38 -4.47
N VAL A 653 2.72 33.53 -4.15
CA VAL A 653 3.14 33.37 -2.76
C VAL A 653 3.53 34.75 -2.26
N ARG A 654 3.07 35.08 -1.06
CA ARG A 654 2.92 36.47 -0.66
C ARG A 654 3.79 36.86 0.53
N GLU A 655 3.97 38.17 0.66
CA GLU A 655 4.64 38.75 1.81
C GLU A 655 3.82 38.43 3.08
N VAL A 656 4.48 37.82 4.05
CA VAL A 656 3.80 37.19 5.17
C VAL A 656 2.92 38.17 5.97
N LYS A 657 1.78 37.67 6.45
CA LYS A 657 0.76 38.49 7.09
C LYS A 657 0.12 37.77 8.29
N ASP A 658 0.12 38.43 9.45
CA ASP A 658 -0.20 37.75 10.71
C ASP A 658 -1.69 37.65 11.02
N LEU A 659 -2.18 36.41 11.05
CA LEU A 659 -3.59 36.14 11.25
C LEU A 659 -3.92 35.83 12.72
N LYS A 660 -2.91 35.91 13.58
CA LYS A 660 -3.11 35.69 15.02
C LYS A 660 -4.16 36.64 15.58
N LYS A 661 -3.98 37.92 15.27
CA LYS A 661 -4.82 38.97 15.80
C LYS A 661 -6.25 38.85 15.32
N LYS A 662 -6.49 38.18 14.20
CA LYS A 662 -7.85 38.23 13.68
C LYS A 662 -8.78 37.16 14.28
N CYS A 663 -8.22 36.14 14.92
CA CYS A 663 -9.02 35.28 15.78
C CYS A 663 -9.38 36.04 17.02
N THR A 664 -8.35 36.55 17.67
CA THR A 664 -8.43 37.09 19.02
C THR A 664 -9.08 38.46 19.05
N SER A 665 -9.31 39.07 17.89
CA SER A 665 -9.92 40.39 17.86
C SER A 665 -11.36 40.34 18.36
N ASN A 666 -11.97 39.17 18.26
CA ASN A 666 -13.33 38.96 18.76
C ASN A 666 -13.38 38.78 20.27
N PHE A 667 -12.36 38.12 20.83
CA PHE A 667 -12.25 37.83 22.25
C PHE A 667 -11.82 39.06 23.06
N LEU A 668 -12.33 39.17 24.28
CA LEU A 668 -11.79 40.12 25.25
C LEU A 668 -10.50 39.52 25.82
N SER A 669 -9.46 40.32 25.97
CA SER A 669 -8.20 39.77 26.43
C SER A 669 -7.84 40.23 27.84
N PRO A 670 -7.11 39.40 28.59
CA PRO A 670 -6.67 39.84 29.92
C PRO A 670 -5.39 40.71 29.92
N GLU A 671 -5.02 41.21 31.09
CA GLU A 671 -3.82 42.02 31.28
C GLU A 671 -3.78 43.26 30.37
#